data_3QWO
#
_entry.id   3QWO
#
_cell.length_a   75.762
_cell.length_b   74.425
_cell.length_c   86.398
_cell.angle_alpha   90.00
_cell.angle_beta   101.75
_cell.angle_gamma   90.00
#
_symmetry.space_group_name_H-M   'P 1 21 1'
#
loop_
_entity.id
_entity.type
_entity.pdbx_description
1 polymer 'motavizumab light chain'
2 polymer 'motavizumab heavy chain'
3 polymer 'motavizumab epitope scaffold'
4 non-polymer 'SULFATE ION'
5 non-polymer 1,2-ETHANEDIOL
6 water water
#
loop_
_entity_poly.entity_id
_entity_poly.type
_entity_poly.pdbx_seq_one_letter_code
_entity_poly.pdbx_strand_id
1 'polypeptide(L)'
;DIQMTQSPSTLSASVGDRVTITCSASSRVGYMHWYQQKPGKAPKLLIYDTSKLASGVPSRFSGSGSGTEFTLTISSLQPD
DFATYYCFQGSGYPFTFGGGTKVEIKRTVAAPSVFIFPPSDEQLKSGTASVVCLLNNFYPREAKVQWKVDNALQSGNSQE
SVTEQDSKDSTYSLSSTLTLSKADYEKHKVYACEVTHQGLSSPVTKSFNRGEC
;
L,B
2 'polypeptide(L)'
;QVTLRESGPALVKPTQTLTLTCTFSGFSLSTAGMSVGWIRQPPGKALEWLADIWWDDKKHYNPSLKDRLTISKDTSKNQV
VLKVTNMDPADTATYYCARDMIFNFYFDVWGQGTTVTVSSASTKGPSVFPLAPSSKSTSGGTAALGCLVKDYFPEPVTVS
WNSGALTSGVHTFPAVLQSSGLYSLSSVVTVPSSSLGTQTYICNVNHKPSNTKVDKKVEPKSCDK
;
H,A
3 'polypeptide(L)' SYNDEKKLASNEIANLPNLNEEQRSAFLSSINDDPSQSANLLAEAKKLNDAQADEVD C,P
#
loop_
_chem_comp.id
_chem_comp.type
_chem_comp.name
_chem_comp.formula
EDO non-polymer 1,2-ETHANEDIOL 'C2 H6 O2'
SO4 non-polymer 'SULFATE ION' 'O4 S -2'
#
# COMPACT_ATOMS: atom_id res chain seq x y z
N ASP A 1 -2.34 -30.20 -17.49
CA ASP A 1 -2.29 -28.83 -16.93
C ASP A 1 -1.20 -28.70 -15.85
N ILE A 2 -1.04 -27.50 -15.31
CA ILE A 2 -0.06 -27.23 -14.26
C ILE A 2 -0.77 -27.22 -12.92
N GLN A 3 -0.30 -28.00 -11.95
CA GLN A 3 -0.92 -28.04 -10.64
C GLN A 3 0.11 -27.71 -9.58
N MET A 4 -0.36 -27.24 -8.43
CA MET A 4 0.51 -26.77 -7.35
C MET A 4 0.10 -27.40 -6.06
N THR A 5 1.09 -27.78 -5.26
CA THR A 5 0.86 -28.25 -3.90
C THR A 5 1.49 -27.26 -2.94
N GLN A 6 0.73 -26.81 -1.96
CA GLN A 6 1.25 -25.90 -0.94
C GLN A 6 1.57 -26.68 0.31
N SER A 7 2.58 -26.22 1.05
CA SER A 7 2.79 -26.75 2.38
C SER A 7 3.32 -25.67 3.29
N PRO A 8 2.91 -25.72 4.57
CA PRO A 8 1.96 -26.72 5.05
C PRO A 8 0.53 -26.31 4.67
N SER A 9 -0.44 -27.19 4.82
CA SER A 9 -1.82 -26.82 4.52
C SER A 9 -2.43 -26.04 5.70
N THR A 10 -1.94 -26.31 6.90
CA THR A 10 -2.33 -25.55 8.08
C THR A 10 -1.08 -25.21 8.87
N LEU A 11 -1.07 -24.01 9.45
CA LEU A 11 0.12 -23.46 10.07
C LEU A 11 -0.32 -22.68 11.29
N SER A 12 0.34 -22.87 12.43
CA SER A 12 0.00 -22.09 13.62
C SER A 12 1.27 -21.48 14.19
N ALA A 13 1.30 -20.15 14.26
CA ALA A 13 2.49 -19.45 14.74
C ALA A 13 2.08 -18.28 15.63
N SER A 14 2.98 -17.87 16.52
CA SER A 14 2.74 -16.77 17.43
C SER A 14 2.98 -15.44 16.72
N VAL A 15 2.38 -14.38 17.23
CA VAL A 15 2.64 -13.01 16.76
C VAL A 15 4.13 -12.68 16.81
N GLY A 16 4.65 -12.09 15.74
CA GLY A 16 6.06 -11.79 15.65
C GLY A 16 6.89 -12.91 15.03
N ASP A 17 6.32 -14.09 14.88
CA ASP A 17 7.06 -15.20 14.24
C ASP A 17 7.26 -14.93 12.77
N ARG A 18 8.32 -15.51 12.21
CA ARG A 18 8.49 -15.50 10.76
C ARG A 18 7.93 -16.80 10.19
N VAL A 19 7.10 -16.66 9.16
CA VAL A 19 6.33 -17.75 8.58
C VAL A 19 6.69 -17.94 7.11
N THR A 20 6.81 -19.20 6.69
CA THR A 20 7.09 -19.50 5.29
C THR A 20 6.15 -20.56 4.71
N ILE A 21 5.60 -20.25 3.55
CA ILE A 21 4.70 -21.15 2.85
C ILE A 21 5.34 -21.46 1.51
N THR A 22 5.35 -22.72 1.13
CA THR A 22 5.96 -23.09 -0.13
C THR A 22 4.89 -23.57 -1.10
N CYS A 23 5.18 -23.42 -2.37
CA CYS A 23 4.27 -23.80 -3.43
C CYS A 23 5.14 -24.53 -4.44
N SER A 24 4.83 -25.79 -4.74
CA SER A 24 5.62 -26.48 -5.74
C SER A 24 4.71 -26.84 -6.90
N ALA A 25 5.13 -26.46 -8.10
CA ALA A 25 4.34 -26.65 -9.30
C ALA A 25 4.77 -27.92 -10.03
N SER A 26 3.85 -28.51 -10.77
CA SER A 26 4.13 -29.76 -11.47
C SER A 26 5.08 -29.53 -12.64
N SER A 27 5.14 -28.30 -13.16
CA SER A 27 6.12 -27.95 -14.20
C SER A 27 6.49 -26.47 -14.11
N ARG A 28 7.59 -26.08 -14.76
CA ARG A 28 8.11 -24.72 -14.64
C ARG A 28 7.11 -23.66 -15.08
N VAL A 29 6.95 -22.62 -14.26
CA VAL A 29 6.21 -21.43 -14.64
C VAL A 29 7.16 -20.24 -14.51
N GLY A 30 6.92 -19.19 -15.28
CA GLY A 30 7.77 -18.01 -15.24
C GLY A 30 7.51 -17.13 -14.02
N TYR A 31 6.34 -17.27 -13.42
CA TYR A 31 5.93 -16.42 -12.30
C TYR A 31 5.01 -17.20 -11.37
N MET A 32 5.06 -16.88 -10.07
CA MET A 32 4.03 -17.34 -9.14
C MET A 32 3.38 -16.15 -8.45
N HIS A 33 2.07 -16.23 -8.24
CA HIS A 33 1.34 -15.16 -7.58
C HIS A 33 0.66 -15.70 -6.33
N TRP A 34 0.35 -14.83 -5.40
CA TRP A 34 -0.19 -15.26 -4.12
C TRP A 34 -1.40 -14.41 -3.76
N TYR A 35 -2.42 -15.06 -3.19
CA TYR A 35 -3.62 -14.36 -2.75
C TYR A 35 -3.80 -14.60 -1.26
N GLN A 36 -4.37 -13.60 -0.58
CA GLN A 36 -4.75 -13.72 0.83
C GLN A 36 -6.28 -13.65 0.91
N GLN A 37 -6.90 -14.57 1.63
CA GLN A 37 -8.34 -14.57 1.76
C GLN A 37 -8.74 -14.61 3.21
N LYS A 38 -9.36 -13.53 3.68
CA LYS A 38 -9.84 -13.44 5.05
C LYS A 38 -11.23 -14.05 5.12
N PRO A 39 -11.65 -14.47 6.32
CA PRO A 39 -12.98 -15.07 6.51
C PRO A 39 -14.11 -14.20 5.96
N GLY A 40 -14.90 -14.76 5.05
CA GLY A 40 -16.07 -14.07 4.52
C GLY A 40 -15.79 -13.03 3.44
N LYS A 41 -14.54 -13.02 2.96
CA LYS A 41 -14.13 -12.01 2.00
C LYS A 41 -13.58 -12.67 0.74
N ALA A 42 -13.52 -11.90 -0.34
CA ALA A 42 -12.89 -12.36 -1.58
C ALA A 42 -11.38 -12.39 -1.44
N PRO A 43 -10.71 -13.22 -2.25
CA PRO A 43 -9.24 -13.19 -2.26
C PRO A 43 -8.76 -11.81 -2.63
N LYS A 44 -7.58 -11.44 -2.12
CA LYS A 44 -6.98 -10.16 -2.41
C LYS A 44 -5.57 -10.44 -2.88
N LEU A 45 -5.16 -9.82 -3.98
CA LEU A 45 -3.79 -9.97 -4.47
C LEU A 45 -2.79 -9.52 -3.41
N LEU A 46 -1.78 -10.35 -3.17
CA LEU A 46 -0.82 -10.10 -2.10
C LEU A 46 0.58 -9.93 -2.68
N ILE A 47 1.03 -10.96 -3.40
CA ILE A 47 2.31 -10.93 -4.11
C ILE A 47 2.02 -11.25 -5.56
N TYR A 48 2.66 -10.56 -6.48
CA TYR A 48 2.50 -10.89 -7.90
C TYR A 48 3.86 -10.91 -8.55
N ASP A 49 3.95 -11.50 -9.74
CA ASP A 49 5.22 -11.69 -10.41
C ASP A 49 6.29 -12.19 -9.45
N THR A 50 5.91 -13.15 -8.61
CA THR A 50 6.80 -13.89 -7.72
C THR A 50 7.27 -13.13 -6.47
N SER A 51 7.64 -11.86 -6.60
CA SER A 51 8.23 -11.13 -5.47
C SER A 51 7.74 -9.68 -5.34
N LYS A 52 6.81 -9.28 -6.20
CA LYS A 52 6.33 -7.90 -6.18
C LYS A 52 5.16 -7.74 -5.20
N LEU A 53 5.18 -6.66 -4.41
CA LEU A 53 4.11 -6.44 -3.44
C LEU A 53 2.93 -5.74 -4.09
N ALA A 54 1.74 -6.30 -3.90
CA ALA A 54 0.52 -5.68 -4.40
C ALA A 54 0.23 -4.45 -3.57
N SER A 55 -0.67 -3.60 -4.04
CA SER A 55 -0.85 -2.33 -3.34
C SER A 55 -1.59 -2.57 -2.02
N GLY A 56 -1.25 -1.77 -1.02
CA GLY A 56 -1.83 -1.91 0.31
C GLY A 56 -1.31 -3.15 1.03
N VAL A 57 -0.12 -3.60 0.64
CA VAL A 57 0.49 -4.78 1.27
C VAL A 57 1.77 -4.36 1.99
N PRO A 58 1.83 -4.61 3.30
CA PRO A 58 2.97 -4.18 4.14
C PRO A 58 4.28 -4.86 3.77
N SER A 59 5.40 -4.21 4.07
CA SER A 59 6.71 -4.72 3.72
C SER A 59 7.03 -6.03 4.42
N ARG A 60 6.22 -6.34 5.43
CA ARG A 60 6.22 -7.61 6.13
C ARG A 60 6.20 -8.81 5.16
N PHE A 61 5.49 -8.64 4.04
CA PHE A 61 5.30 -9.72 3.07
C PHE A 61 6.38 -9.72 1.98
N SER A 62 6.83 -10.91 1.60
CA SER A 62 7.81 -11.04 0.54
C SER A 62 7.61 -12.39 -0.14
N GLY A 63 8.10 -12.52 -1.37
CA GLY A 63 7.95 -13.76 -2.09
C GLY A 63 9.21 -14.07 -2.85
N SER A 64 9.46 -15.34 -3.13
CA SER A 64 10.69 -15.74 -3.79
C SER A 64 10.48 -17.02 -4.57
N GLY A 65 11.46 -17.35 -5.42
CA GLY A 65 11.46 -18.64 -6.09
C GLY A 65 11.61 -18.56 -7.59
N SER A 66 11.61 -19.72 -8.22
CA SER A 66 11.75 -19.83 -9.65
C SER A 66 11.60 -21.29 -10.04
N GLY A 67 11.28 -21.53 -11.31
CA GLY A 67 11.13 -22.88 -11.80
C GLY A 67 9.83 -23.50 -11.34
N THR A 68 9.94 -24.47 -10.44
CA THR A 68 8.77 -25.13 -9.88
C THR A 68 8.62 -24.86 -8.39
N GLU A 69 9.58 -24.17 -7.78
CA GLU A 69 9.53 -24.00 -6.32
C GLU A 69 9.50 -22.53 -5.88
N PHE A 70 8.39 -22.15 -5.24
CA PHE A 70 8.18 -20.76 -4.84
C PHE A 70 7.80 -20.67 -3.37
N THR A 71 8.11 -19.54 -2.74
CA THR A 71 7.78 -19.38 -1.32
C THR A 71 7.20 -18.00 -1.06
N LEU A 72 6.28 -17.93 -0.11
CA LEU A 72 5.79 -16.67 0.40
C LEU A 72 6.29 -16.58 1.85
N THR A 73 6.78 -15.41 2.24
CA THR A 73 7.28 -15.22 3.60
C THR A 73 6.58 -14.04 4.28
N ILE A 74 6.22 -14.20 5.55
CA ILE A 74 5.69 -13.09 6.34
C ILE A 74 6.66 -12.88 7.50
N SER A 75 7.35 -11.74 7.53
CA SER A 75 8.50 -11.54 8.41
C SER A 75 8.14 -11.24 9.86
N SER A 76 6.91 -10.83 10.13
CA SER A 76 6.51 -10.58 11.52
C SER A 76 4.99 -10.77 11.68
N LEU A 77 4.59 -12.03 11.82
CA LEU A 77 3.20 -12.41 11.81
C LEU A 77 2.36 -11.52 12.74
N GLN A 78 1.33 -10.90 12.20
CA GLN A 78 0.44 -10.05 12.98
C GLN A 78 -0.93 -10.72 13.07
N PRO A 79 -1.73 -10.33 14.06
CA PRO A 79 -3.08 -10.90 14.22
C PRO A 79 -3.88 -10.80 12.92
N ASP A 80 -3.71 -9.70 12.19
CA ASP A 80 -4.53 -9.46 11.00
C ASP A 80 -4.06 -10.30 9.82
N ASP A 81 -3.02 -11.09 10.03
CA ASP A 81 -2.54 -12.00 8.99
C ASP A 81 -3.28 -13.34 9.03
N PHE A 82 -4.17 -13.50 10.01
CA PHE A 82 -5.06 -14.65 10.01
C PHE A 82 -5.83 -14.77 8.70
N ALA A 83 -5.53 -15.80 7.92
CA ALA A 83 -6.13 -15.95 6.61
C ALA A 83 -5.79 -17.30 6.00
N THR A 84 -6.38 -17.59 4.84
CA THR A 84 -5.88 -18.67 4.00
C THR A 84 -5.15 -18.03 2.84
N TYR A 85 -3.96 -18.55 2.53
CA TYR A 85 -3.16 -18.02 1.45
C TYR A 85 -3.14 -19.02 0.31
N TYR A 86 -3.28 -18.54 -0.93
CA TYR A 86 -3.24 -19.42 -2.11
C TYR A 86 -2.18 -18.94 -3.08
N CYS A 87 -1.41 -19.86 -3.64
CA CYS A 87 -0.55 -19.52 -4.76
C CYS A 87 -1.41 -19.66 -6.01
N PHE A 88 -0.96 -19.07 -7.13
CA PHE A 88 -1.74 -19.06 -8.36
C PHE A 88 -0.78 -18.94 -9.52
N GLN A 89 -1.03 -19.68 -10.60
CA GLN A 89 -0.22 -19.56 -11.81
C GLN A 89 -1.11 -19.16 -12.96
N GLY A 90 -0.65 -18.20 -13.76
CA GLY A 90 -1.36 -17.77 -14.95
C GLY A 90 -0.55 -18.05 -16.20
N SER A 91 0.50 -18.86 -16.05
CA SER A 91 1.42 -19.14 -17.14
C SER A 91 0.86 -20.09 -18.19
N GLY A 92 -0.08 -20.95 -17.79
CA GLY A 92 -0.72 -21.84 -18.75
C GLY A 92 -2.18 -22.06 -18.41
N TYR A 93 -3.01 -22.29 -19.43
CA TYR A 93 -4.41 -22.65 -19.21
C TYR A 93 -4.53 -24.16 -19.00
N PRO A 94 -5.42 -24.58 -18.08
CA PRO A 94 -6.28 -23.75 -17.22
C PRO A 94 -5.45 -23.06 -16.14
N PHE A 95 -5.85 -21.86 -15.75
CA PHE A 95 -5.23 -21.20 -14.63
C PHE A 95 -5.50 -22.07 -13.41
N THR A 96 -4.58 -22.14 -12.47
CA THR A 96 -4.81 -22.98 -11.31
C THR A 96 -4.32 -22.33 -10.02
N PHE A 97 -4.86 -22.80 -8.90
CA PHE A 97 -4.50 -22.35 -7.56
C PHE A 97 -3.95 -23.52 -6.79
N GLY A 98 -3.06 -23.26 -5.82
CA GLY A 98 -2.67 -24.27 -4.86
C GLY A 98 -3.84 -24.58 -3.95
N GLY A 99 -3.68 -25.56 -3.08
CA GLY A 99 -4.78 -26.01 -2.25
C GLY A 99 -5.05 -25.10 -1.05
N GLY A 100 -4.16 -24.15 -0.81
CA GLY A 100 -4.37 -23.17 0.24
C GLY A 100 -3.62 -23.54 1.51
N THR A 101 -3.25 -22.52 2.29
CA THR A 101 -2.58 -22.71 3.58
C THR A 101 -3.30 -21.83 4.58
N LYS A 102 -3.95 -22.43 5.57
CA LYS A 102 -4.64 -21.69 6.60
C LYS A 102 -3.65 -21.31 7.68
N VAL A 103 -3.48 -20.00 7.93
CA VAL A 103 -2.54 -19.50 8.93
C VAL A 103 -3.29 -19.08 10.19
N GLU A 104 -3.02 -19.78 11.29
CA GLU A 104 -3.65 -19.49 12.57
C GLU A 104 -2.66 -18.82 13.52
N ILE A 105 -3.16 -18.01 14.44
CA ILE A 105 -2.30 -17.28 15.34
C ILE A 105 -2.30 -17.91 16.73
N LYS A 106 -1.12 -18.20 17.25
CA LYS A 106 -0.97 -18.66 18.64
C LYS A 106 -0.94 -17.45 19.56
N ARG A 107 -1.63 -17.53 20.69
CA ARG A 107 -1.59 -16.46 21.68
C ARG A 107 -1.79 -17.01 23.09
N THR A 108 -1.69 -16.14 24.08
CA THR A 108 -1.81 -16.58 25.47
C THR A 108 -3.25 -17.03 25.74
N VAL A 109 -3.39 -18.04 26.60
CA VAL A 109 -4.71 -18.55 26.94
C VAL A 109 -5.61 -17.41 27.43
N ALA A 110 -6.90 -17.52 27.14
CA ALA A 110 -7.89 -16.52 27.54
C ALA A 110 -9.21 -17.22 27.83
N ALA A 111 -9.71 -17.03 29.05
CA ALA A 111 -10.97 -17.63 29.47
C ALA A 111 -12.15 -16.96 28.76
N PRO A 112 -13.21 -17.73 28.48
CA PRO A 112 -14.43 -17.14 27.91
C PRO A 112 -15.27 -16.39 28.94
N SER A 113 -15.84 -15.27 28.53
CA SER A 113 -16.97 -14.69 29.24
C SER A 113 -18.21 -15.43 28.78
N VAL A 114 -19.01 -15.93 29.73
CA VAL A 114 -20.21 -16.68 29.38
C VAL A 114 -21.47 -15.87 29.63
N PHE A 115 -22.36 -15.86 28.66
CA PHE A 115 -23.63 -15.17 28.75
C PHE A 115 -24.76 -16.09 28.34
N ILE A 116 -25.96 -15.84 28.86
CA ILE A 116 -27.12 -16.62 28.47
C ILE A 116 -28.32 -15.73 28.19
N PHE A 117 -28.99 -16.04 27.09
CA PHE A 117 -30.16 -15.30 26.64
C PHE A 117 -31.35 -16.26 26.62
N PRO A 118 -32.39 -15.95 27.39
CA PRO A 118 -33.60 -16.79 27.33
C PRO A 118 -34.34 -16.54 26.02
N PRO A 119 -35.35 -17.38 25.71
CA PRO A 119 -36.17 -17.17 24.51
C PRO A 119 -36.96 -15.86 24.57
N SER A 120 -36.88 -15.08 23.50
CA SER A 120 -37.62 -13.82 23.43
C SER A 120 -39.12 -14.12 23.40
N ASP A 121 -39.91 -13.22 23.98
CA ASP A 121 -41.36 -13.43 24.04
C ASP A 121 -41.93 -13.57 22.63
N GLU A 122 -41.38 -12.80 21.70
CA GLU A 122 -41.85 -12.84 20.32
C GLU A 122 -41.85 -14.27 19.79
N GLN A 123 -40.76 -14.98 20.04
CA GLN A 123 -40.64 -16.35 19.59
C GLN A 123 -41.64 -17.26 20.30
N LEU A 124 -41.72 -17.13 21.62
CA LEU A 124 -42.57 -18.01 22.39
C LEU A 124 -44.00 -18.05 21.85
N LYS A 125 -44.43 -16.96 21.22
CA LYS A 125 -45.77 -16.93 20.63
C LYS A 125 -45.86 -17.96 19.50
N SER A 126 -44.90 -17.91 18.59
CA SER A 126 -44.88 -18.85 17.47
C SER A 126 -44.83 -20.30 17.94
N GLY A 127 -44.60 -20.49 19.23
CA GLY A 127 -44.67 -21.82 19.82
C GLY A 127 -43.36 -22.57 19.71
N THR A 128 -42.25 -21.83 19.69
CA THR A 128 -40.92 -22.41 19.75
C THR A 128 -40.02 -21.56 20.62
N ALA A 129 -38.98 -22.17 21.17
CA ALA A 129 -38.11 -21.51 22.13
C ALA A 129 -36.65 -21.90 21.91
N SER A 130 -35.80 -20.91 21.67
CA SER A 130 -34.38 -21.16 21.62
C SER A 130 -33.66 -20.40 22.73
N VAL A 131 -32.85 -21.12 23.50
CA VAL A 131 -32.07 -20.53 24.57
C VAL A 131 -30.63 -20.49 24.10
N VAL A 132 -30.02 -19.31 24.12
CA VAL A 132 -28.68 -19.15 23.58
C VAL A 132 -27.61 -18.95 24.64
N CYS A 133 -26.65 -19.87 24.65
CA CYS A 133 -25.46 -19.74 25.47
C CYS A 133 -24.32 -19.17 24.62
N LEU A 134 -23.58 -18.21 25.17
CA LEU A 134 -22.52 -17.55 24.42
C LEU A 134 -21.22 -17.54 25.19
N LEU A 135 -20.18 -18.13 24.60
CA LEU A 135 -18.82 -18.04 25.12
C LEU A 135 -18.06 -17.01 24.28
N ASN A 136 -17.53 -15.98 24.93
CA ASN A 136 -16.96 -14.85 24.18
C ASN A 136 -15.46 -14.64 24.39
N ASN A 137 -14.74 -14.54 23.28
CA ASN A 137 -13.34 -14.14 23.28
C ASN A 137 -12.49 -15.02 24.17
N PHE A 138 -12.23 -16.23 23.72
CA PHE A 138 -11.42 -17.17 24.48
C PHE A 138 -10.41 -17.81 23.55
N TYR A 139 -9.34 -18.33 24.13
CA TYR A 139 -8.33 -19.05 23.39
C TYR A 139 -7.74 -20.10 24.35
N PRO A 140 -7.47 -21.31 23.86
CA PRO A 140 -7.62 -21.76 22.47
C PRO A 140 -9.05 -22.17 22.11
N ARG A 141 -9.23 -22.66 20.88
CA ARG A 141 -10.54 -22.98 20.35
C ARG A 141 -11.30 -24.06 21.11
N GLU A 142 -10.58 -25.05 21.63
CA GLU A 142 -11.22 -26.19 22.31
C GLU A 142 -12.03 -25.76 23.54
N ALA A 143 -13.28 -26.20 23.60
CA ALA A 143 -14.17 -25.89 24.72
C ALA A 143 -15.30 -26.92 24.79
N LYS A 144 -15.92 -27.03 25.96
CA LYS A 144 -17.06 -27.94 26.11
C LYS A 144 -18.25 -27.20 26.71
N VAL A 145 -19.44 -27.43 26.14
CA VAL A 145 -20.63 -26.72 26.59
C VAL A 145 -21.80 -27.71 26.72
N GLN A 146 -22.31 -27.87 27.94
CA GLN A 146 -23.40 -28.82 28.16
C GLN A 146 -24.67 -28.14 28.67
N TRP A 147 -25.82 -28.60 28.21
CA TRP A 147 -27.08 -28.04 28.66
C TRP A 147 -27.74 -28.90 29.74
N LYS A 148 -28.22 -28.25 30.80
CA LYS A 148 -28.98 -28.94 31.83
C LYS A 148 -30.30 -28.22 32.07
N VAL A 149 -31.40 -28.96 31.87
CA VAL A 149 -32.73 -28.45 32.15
C VAL A 149 -33.29 -29.18 33.38
N ASP A 150 -33.45 -28.44 34.47
CA ASP A 150 -33.84 -29.03 35.75
C ASP A 150 -32.84 -30.12 36.17
N ASN A 151 -31.56 -29.78 36.09
CA ASN A 151 -30.48 -30.67 36.51
C ASN A 151 -30.25 -31.87 35.59
N ALA A 152 -31.08 -32.00 34.55
CA ALA A 152 -30.99 -33.13 33.65
C ALA A 152 -30.18 -32.77 32.41
N LEU A 153 -29.06 -33.46 32.21
CA LEU A 153 -28.21 -33.20 31.06
C LEU A 153 -29.02 -33.39 29.76
N GLN A 154 -28.69 -32.63 28.74
CA GLN A 154 -29.41 -32.67 27.48
C GLN A 154 -28.54 -33.29 26.40
N SER A 155 -29.18 -33.76 25.32
CA SER A 155 -28.47 -34.36 24.20
C SER A 155 -29.24 -34.23 22.90
N GLY A 156 -28.55 -33.80 21.85
CA GLY A 156 -29.10 -33.80 20.51
C GLY A 156 -30.13 -32.74 20.21
N ASN A 157 -30.41 -31.88 21.19
CA ASN A 157 -31.34 -30.78 20.98
C ASN A 157 -30.63 -29.43 21.10
N SER A 158 -29.33 -29.42 20.80
CA SER A 158 -28.57 -28.17 20.76
C SER A 158 -27.57 -28.20 19.61
N GLN A 159 -27.19 -27.02 19.13
CA GLN A 159 -26.20 -26.91 18.06
C GLN A 159 -25.19 -25.81 18.37
N GLU A 160 -23.92 -26.11 18.12
CA GLU A 160 -22.85 -25.14 18.32
C GLU A 160 -22.38 -24.49 17.01
N SER A 161 -21.83 -23.29 17.15
CA SER A 161 -21.17 -22.60 16.05
C SER A 161 -19.98 -21.83 16.61
N VAL A 162 -18.85 -21.85 15.92
CA VAL A 162 -17.71 -21.08 16.40
C VAL A 162 -17.24 -20.11 15.34
N THR A 163 -16.81 -18.92 15.75
CA THR A 163 -16.28 -17.94 14.82
C THR A 163 -14.90 -18.33 14.37
N GLU A 164 -14.43 -17.71 13.30
CA GLU A 164 -13.04 -17.79 12.92
C GLU A 164 -12.26 -16.91 13.90
N GLN A 165 -10.95 -17.10 13.99
CA GLN A 165 -10.13 -16.31 14.91
C GLN A 165 -10.27 -14.82 14.60
N ASP A 166 -10.38 -14.01 15.65
CA ASP A 166 -10.55 -12.59 15.48
C ASP A 166 -9.28 -11.97 14.88
N SER A 167 -9.45 -11.02 13.97
CA SER A 167 -8.31 -10.41 13.27
C SER A 167 -7.53 -9.43 14.15
N LYS A 168 -8.08 -9.09 15.31
CA LYS A 168 -7.46 -8.12 16.25
C LYS A 168 -6.82 -8.76 17.48
N ASP A 169 -7.56 -9.64 18.16
CA ASP A 169 -7.06 -10.25 19.39
C ASP A 169 -6.88 -11.76 19.26
N SER A 170 -7.13 -12.31 18.07
CA SER A 170 -6.85 -13.71 17.80
C SER A 170 -7.68 -14.68 18.64
N THR A 171 -8.76 -14.20 19.23
CA THR A 171 -9.61 -15.10 20.03
C THR A 171 -10.77 -15.68 19.21
N TYR A 172 -11.45 -16.64 19.80
CA TYR A 172 -12.65 -17.23 19.22
C TYR A 172 -13.85 -16.85 20.06
N SER A 173 -15.03 -17.01 19.49
CA SER A 173 -16.25 -17.03 20.28
C SER A 173 -17.11 -18.18 19.79
N LEU A 174 -18.06 -18.59 20.62
CA LEU A 174 -18.83 -19.79 20.35
C LEU A 174 -20.24 -19.65 20.90
N SER A 175 -21.25 -19.99 20.09
CA SER A 175 -22.63 -20.02 20.56
C SER A 175 -23.17 -21.44 20.56
N SER A 176 -23.98 -21.75 21.57
CA SER A 176 -24.67 -23.03 21.66
C SER A 176 -26.16 -22.75 21.85
N THR A 177 -26.98 -23.29 20.97
CA THR A 177 -28.42 -22.99 20.94
C THR A 177 -29.27 -24.22 21.26
N LEU A 178 -30.04 -24.15 22.35
CA LEU A 178 -30.94 -25.23 22.73
C LEU A 178 -32.35 -24.96 22.21
N THR A 179 -32.85 -25.83 21.35
CA THR A 179 -34.15 -25.60 20.72
C THR A 179 -35.22 -26.56 21.23
N LEU A 180 -36.31 -25.99 21.73
CA LEU A 180 -37.42 -26.77 22.27
C LEU A 180 -38.73 -26.14 21.81
N SER A 181 -39.73 -26.98 21.57
CA SER A 181 -41.09 -26.48 21.36
C SER A 181 -41.53 -25.74 22.62
N LYS A 182 -42.36 -24.71 22.44
CA LYS A 182 -42.86 -23.91 23.55
C LYS A 182 -43.47 -24.80 24.64
N ALA A 183 -43.94 -25.98 24.24
CA ALA A 183 -44.56 -26.91 25.16
C ALA A 183 -43.55 -27.45 26.17
N ASP A 184 -42.55 -28.16 25.68
CA ASP A 184 -41.52 -28.74 26.55
C ASP A 184 -40.82 -27.65 27.36
N TYR A 185 -40.77 -26.45 26.78
CA TYR A 185 -40.10 -25.32 27.41
C TYR A 185 -40.79 -24.90 28.70
N GLU A 186 -42.11 -24.85 28.68
CA GLU A 186 -42.87 -24.46 29.86
C GLU A 186 -43.13 -25.67 30.78
N LYS A 187 -42.48 -26.79 30.45
CA LYS A 187 -42.60 -28.02 31.23
C LYS A 187 -41.48 -28.11 32.26
N HIS A 188 -40.49 -27.23 32.15
CA HIS A 188 -39.36 -27.23 33.06
C HIS A 188 -39.07 -25.82 33.57
N LYS A 189 -38.28 -25.73 34.64
CA LYS A 189 -38.10 -24.49 35.38
C LYS A 189 -36.73 -23.84 35.15
N VAL A 190 -35.66 -24.47 35.64
CA VAL A 190 -34.32 -23.91 35.53
C VAL A 190 -33.67 -24.29 34.19
N TYR A 191 -33.05 -23.32 33.55
CA TYR A 191 -32.33 -23.54 32.30
C TYR A 191 -30.90 -23.09 32.47
N ALA A 192 -29.97 -24.00 32.23
CA ALA A 192 -28.57 -23.76 32.59
C ALA A 192 -27.59 -24.20 31.51
N CYS A 193 -26.56 -23.40 31.30
CA CYS A 193 -25.47 -23.72 30.39
C CYS A 193 -24.18 -23.91 31.19
N GLU A 194 -23.55 -25.07 31.02
CA GLU A 194 -22.32 -25.40 31.73
C GLU A 194 -21.15 -25.35 30.77
N VAL A 195 -20.08 -24.65 31.17
CA VAL A 195 -18.93 -24.43 30.29
C VAL A 195 -17.62 -24.89 30.94
N THR A 196 -16.82 -25.60 30.16
CA THR A 196 -15.50 -26.05 30.58
C THR A 196 -14.47 -25.50 29.61
N HIS A 197 -13.38 -24.95 30.14
CA HIS A 197 -12.31 -24.43 29.29
C HIS A 197 -10.99 -24.34 30.05
N GLN A 198 -9.89 -24.50 29.32
CA GLN A 198 -8.55 -24.44 29.88
C GLN A 198 -8.32 -23.19 30.72
N GLY A 199 -8.93 -22.08 30.32
CA GLY A 199 -8.73 -20.81 30.99
C GLY A 199 -9.59 -20.65 32.25
N LEU A 200 -10.37 -21.68 32.57
CA LEU A 200 -11.24 -21.66 33.73
C LEU A 200 -10.76 -22.70 34.73
N SER A 201 -10.62 -22.29 35.99
CA SER A 201 -10.16 -23.19 37.05
C SER A 201 -11.23 -24.24 37.31
N SER A 202 -12.48 -23.80 37.35
CA SER A 202 -13.62 -24.70 37.49
C SER A 202 -14.70 -24.35 36.47
N PRO A 203 -15.50 -25.35 36.06
CA PRO A 203 -16.57 -25.13 35.08
C PRO A 203 -17.56 -24.05 35.51
N VAL A 204 -17.82 -23.12 34.60
CA VAL A 204 -18.72 -22.00 34.88
C VAL A 204 -20.12 -22.31 34.40
N THR A 205 -21.11 -22.08 35.26
CA THR A 205 -22.51 -22.27 34.87
C THR A 205 -23.25 -20.94 34.80
N LYS A 206 -24.06 -20.78 33.76
CA LYS A 206 -24.95 -19.63 33.62
C LYS A 206 -26.40 -20.11 33.45
N SER A 207 -27.30 -19.70 34.34
CA SER A 207 -28.67 -20.21 34.31
C SER A 207 -29.72 -19.13 34.51
N PHE A 208 -31.00 -19.53 34.39
CA PHE A 208 -32.12 -18.65 34.67
C PHE A 208 -33.40 -19.45 34.93
N ASN A 209 -34.32 -18.85 35.69
CA ASN A 209 -35.61 -19.48 35.97
C ASN A 209 -36.71 -19.00 35.03
N ARG A 210 -37.40 -19.95 34.41
CA ARG A 210 -38.50 -19.65 33.51
C ARG A 210 -39.51 -18.73 34.19
N GLN B 1 -11.21 4.08 -9.30
CA GLN B 1 -10.64 2.72 -9.12
C GLN B 1 -11.54 1.63 -9.67
N VAL B 2 -11.04 0.40 -9.63
CA VAL B 2 -11.70 -0.73 -10.26
C VAL B 2 -12.55 -1.46 -9.23
N THR B 3 -13.80 -1.73 -9.60
CA THR B 3 -14.65 -2.61 -8.80
C THR B 3 -15.43 -3.56 -9.70
N LEU B 4 -15.67 -4.76 -9.21
CA LEU B 4 -16.50 -5.72 -9.94
C LEU B 4 -17.57 -6.22 -8.98
N ARG B 5 -18.74 -6.54 -9.52
CA ARG B 5 -19.85 -7.05 -8.71
C ARG B 5 -20.62 -8.16 -9.44
N GLU B 6 -20.68 -9.34 -8.81
CA GLU B 6 -21.38 -10.50 -9.35
C GLU B 6 -22.85 -10.44 -8.95
N SER B 7 -23.73 -10.92 -9.82
CA SER B 7 -25.15 -11.03 -9.48
C SER B 7 -25.73 -12.26 -10.17
N GLY B 8 -26.85 -12.76 -9.66
CA GLY B 8 -27.48 -13.96 -10.17
C GLY B 8 -28.31 -14.60 -9.07
N PRO B 9 -29.01 -15.69 -9.40
CA PRO B 9 -29.89 -16.36 -8.43
C PRO B 9 -29.10 -16.97 -7.29
N ALA B 10 -29.69 -16.96 -6.09
CA ALA B 10 -29.04 -17.54 -4.93
C ALA B 10 -29.28 -19.03 -4.93
N LEU B 11 -30.28 -19.45 -5.70
CA LEU B 11 -30.75 -20.82 -5.65
C LEU B 11 -31.15 -21.29 -7.04
N VAL B 12 -30.64 -22.45 -7.45
CA VAL B 12 -31.04 -23.07 -8.71
C VAL B 12 -31.23 -24.58 -8.53
N LYS B 13 -32.12 -25.17 -9.32
CA LYS B 13 -32.45 -26.58 -9.18
C LYS B 13 -31.48 -27.48 -9.98
N PRO B 14 -31.26 -28.71 -9.52
CA PRO B 14 -30.41 -29.59 -10.32
C PRO B 14 -30.92 -29.68 -11.76
N THR B 15 -29.97 -29.76 -12.70
CA THR B 15 -30.20 -29.87 -14.16
C THR B 15 -30.45 -28.51 -14.81
N GLN B 16 -30.80 -27.49 -14.02
CA GLN B 16 -31.03 -26.16 -14.58
C GLN B 16 -29.73 -25.48 -14.98
N THR B 17 -29.85 -24.47 -15.83
CA THR B 17 -28.69 -23.66 -16.20
C THR B 17 -28.60 -22.41 -15.33
N LEU B 18 -27.39 -22.16 -14.82
CA LEU B 18 -27.12 -20.96 -14.03
C LEU B 18 -26.61 -19.82 -14.92
N THR B 19 -27.17 -18.61 -14.73
CA THR B 19 -26.65 -17.41 -15.40
C THR B 19 -26.15 -16.41 -14.37
N LEU B 20 -24.87 -16.06 -14.48
CA LEU B 20 -24.25 -15.12 -13.56
C LEU B 20 -23.84 -13.91 -14.38
N THR B 21 -23.93 -12.73 -13.78
CA THR B 21 -23.52 -11.51 -14.46
C THR B 21 -22.47 -10.81 -13.63
N CYS B 22 -21.43 -10.35 -14.29
CA CYS B 22 -20.41 -9.53 -13.64
C CYS B 22 -20.57 -8.11 -14.20
N THR B 23 -20.79 -7.13 -13.33
CA THR B 23 -20.86 -5.73 -13.74
C THR B 23 -19.67 -4.99 -13.13
N PHE B 24 -18.90 -4.29 -13.96
CA PHE B 24 -17.65 -3.70 -13.47
C PHE B 24 -17.47 -2.24 -13.84
N SER B 25 -16.57 -1.58 -13.14
CA SER B 25 -16.27 -0.17 -13.40
C SER B 25 -14.81 0.08 -13.13
N GLY B 26 -14.29 1.21 -13.59
CA GLY B 26 -12.90 1.56 -13.37
C GLY B 26 -12.01 1.11 -14.50
N PHE B 27 -12.56 0.31 -15.41
CA PHE B 27 -11.84 -0.12 -16.59
C PHE B 27 -12.84 -0.47 -17.68
N SER B 28 -12.35 -0.64 -18.91
CA SER B 28 -13.20 -1.02 -20.02
C SER B 28 -12.71 -2.30 -20.68
N LEU B 29 -13.65 -3.16 -21.07
CA LEU B 29 -13.32 -4.39 -21.74
C LEU B 29 -13.09 -4.15 -23.24
N SER B 30 -13.22 -2.90 -23.69
CA SER B 30 -12.84 -2.60 -25.07
C SER B 30 -11.38 -2.18 -25.13
N THR B 31 -10.78 -1.96 -23.96
CA THR B 31 -9.38 -1.59 -23.88
C THR B 31 -8.48 -2.77 -24.24
N ALA B 32 -7.51 -2.49 -25.11
CA ALA B 32 -6.59 -3.51 -25.61
C ALA B 32 -5.87 -4.20 -24.47
N GLY B 33 -5.94 -5.53 -24.45
CA GLY B 33 -5.25 -6.32 -23.45
C GLY B 33 -6.07 -6.70 -22.22
N MET B 34 -7.30 -6.22 -22.14
CA MET B 34 -8.14 -6.38 -20.96
C MET B 34 -8.90 -7.72 -20.96
N SER B 35 -9.21 -8.22 -19.77
CA SER B 35 -9.94 -9.48 -19.61
C SER B 35 -10.73 -9.51 -18.30
N VAL B 36 -11.80 -10.30 -18.30
CA VAL B 36 -12.49 -10.65 -17.07
C VAL B 36 -12.52 -12.18 -16.96
N GLY B 37 -12.29 -12.72 -15.77
CA GLY B 37 -12.37 -14.15 -15.57
C GLY B 37 -13.31 -14.47 -14.42
N TRP B 38 -13.66 -15.75 -14.28
CA TRP B 38 -14.59 -16.22 -13.27
C TRP B 38 -13.90 -17.34 -12.51
N ILE B 39 -14.08 -17.35 -11.19
CA ILE B 39 -13.43 -18.29 -10.29
C ILE B 39 -14.53 -18.71 -9.31
N ARG B 40 -14.55 -19.94 -8.83
CA ARG B 40 -15.51 -20.27 -7.77
C ARG B 40 -14.84 -20.94 -6.59
N GLN B 41 -15.57 -21.09 -5.50
CA GLN B 41 -15.01 -21.70 -4.30
C GLN B 41 -16.13 -22.37 -3.55
N PRO B 42 -16.18 -23.72 -3.62
CA PRO B 42 -17.16 -24.47 -2.84
C PRO B 42 -16.88 -24.29 -1.35
N PRO B 43 -17.87 -24.50 -0.47
CA PRO B 43 -17.67 -24.38 0.97
C PRO B 43 -16.44 -25.17 1.44
N GLY B 44 -15.48 -24.49 2.06
CA GLY B 44 -14.36 -25.16 2.67
C GLY B 44 -13.34 -25.71 1.71
N LYS B 45 -13.44 -25.37 0.42
CA LYS B 45 -12.52 -25.91 -0.56
C LYS B 45 -11.68 -24.82 -1.21
N ALA B 46 -10.80 -25.23 -2.11
CA ALA B 46 -9.88 -24.28 -2.73
C ALA B 46 -10.58 -23.53 -3.85
N LEU B 47 -9.94 -22.48 -4.35
CA LEU B 47 -10.45 -21.72 -5.47
C LEU B 47 -10.23 -22.51 -6.74
N GLU B 48 -11.15 -22.39 -7.68
CA GLU B 48 -11.04 -23.07 -8.97
C GLU B 48 -11.35 -22.07 -10.07
N TRP B 49 -10.41 -21.84 -10.99
CA TRP B 49 -10.68 -20.96 -12.12
C TRP B 49 -11.66 -21.64 -13.10
N LEU B 50 -12.61 -20.88 -13.64
CA LEU B 50 -13.64 -21.46 -14.53
C LEU B 50 -13.47 -21.03 -16.00
N ALA B 51 -13.33 -19.73 -16.21
CA ALA B 51 -13.35 -19.20 -17.58
C ALA B 51 -12.79 -17.79 -17.64
N ASP B 52 -12.43 -17.34 -18.84
CA ASP B 52 -12.14 -15.93 -19.03
C ASP B 52 -12.52 -15.48 -20.45
N ILE B 53 -12.64 -14.17 -20.62
CA ILE B 53 -12.97 -13.58 -21.91
C ILE B 53 -12.08 -12.37 -22.07
N TRP B 54 -11.67 -12.10 -23.30
CA TRP B 54 -10.72 -11.02 -23.58
C TRP B 54 -11.37 -9.93 -24.43
N TRP B 55 -10.76 -8.76 -24.45
CA TRP B 55 -11.30 -7.64 -25.19
C TRP B 55 -11.49 -8.00 -26.67
N ASP B 56 -10.76 -8.99 -27.14
CA ASP B 56 -10.84 -9.36 -28.57
C ASP B 56 -11.81 -10.55 -28.78
N ASP B 57 -12.62 -10.79 -27.76
CA ASP B 57 -13.61 -11.86 -27.74
C ASP B 57 -13.02 -13.27 -27.67
N LYS B 58 -11.71 -13.39 -27.46
CA LYS B 58 -11.14 -14.71 -27.22
C LYS B 58 -11.66 -15.23 -25.87
N LYS B 59 -11.92 -16.54 -25.78
CA LYS B 59 -12.46 -17.15 -24.54
C LYS B 59 -11.68 -18.41 -24.17
N HIS B 60 -11.51 -18.66 -22.87
CA HIS B 60 -10.96 -19.94 -22.40
C HIS B 60 -11.84 -20.54 -21.30
N TYR B 61 -11.88 -21.87 -21.23
CA TYR B 61 -12.72 -22.59 -20.26
C TYR B 61 -11.88 -23.66 -19.57
N ASN B 62 -12.15 -23.92 -18.30
CA ASN B 62 -11.44 -24.98 -17.59
C ASN B 62 -12.05 -26.31 -18.05
N PRO B 63 -11.22 -27.25 -18.53
CA PRO B 63 -11.67 -28.60 -18.88
C PRO B 63 -12.40 -29.31 -17.76
N SER B 64 -12.10 -28.96 -16.51
CA SER B 64 -12.78 -29.59 -15.40
C SER B 64 -14.29 -29.34 -15.43
N LEU B 65 -14.72 -28.31 -16.15
CA LEU B 65 -16.16 -27.99 -16.23
C LEU B 65 -16.84 -28.69 -17.42
N LYS B 66 -16.10 -29.54 -18.13
CA LYS B 66 -16.72 -30.50 -19.05
C LYS B 66 -17.60 -29.84 -20.11
N ASP B 67 -17.14 -28.71 -20.67
CA ASP B 67 -17.87 -28.02 -21.72
C ASP B 67 -19.22 -27.45 -21.30
N ARG B 68 -19.43 -27.28 -20.00
CA ARG B 68 -20.69 -26.78 -19.47
C ARG B 68 -20.76 -25.24 -19.51
N LEU B 69 -19.64 -24.58 -19.83
CA LEU B 69 -19.55 -23.11 -19.71
C LEU B 69 -19.72 -22.34 -21.01
N THR B 70 -20.38 -21.19 -20.92
CA THR B 70 -20.38 -20.20 -21.99
C THR B 70 -20.17 -18.80 -21.40
N ILE B 71 -19.19 -18.06 -21.91
CA ILE B 71 -18.93 -16.70 -21.41
C ILE B 71 -19.17 -15.72 -22.57
N SER B 72 -19.63 -14.52 -22.25
CA SER B 72 -19.89 -13.48 -23.26
C SER B 72 -19.76 -12.11 -22.64
N LYS B 73 -19.60 -11.07 -23.45
CA LYS B 73 -19.42 -9.72 -22.91
C LYS B 73 -20.34 -8.72 -23.58
N ASP B 74 -20.69 -7.68 -22.84
CA ASP B 74 -21.36 -6.51 -23.40
C ASP B 74 -20.49 -5.32 -22.98
N THR B 75 -19.57 -4.93 -23.87
CA THR B 75 -18.58 -3.91 -23.55
C THR B 75 -19.26 -2.58 -23.26
N SER B 76 -20.30 -2.32 -24.04
CA SER B 76 -21.18 -1.18 -23.80
C SER B 76 -21.52 -1.03 -22.31
N LYS B 77 -22.10 -2.07 -21.72
CA LYS B 77 -22.65 -2.00 -20.36
C LYS B 77 -21.68 -2.44 -19.26
N ASN B 78 -20.43 -2.73 -19.61
CA ASN B 78 -19.46 -3.22 -18.65
C ASN B 78 -19.97 -4.47 -17.94
N GLN B 79 -20.44 -5.44 -18.71
CA GLN B 79 -20.95 -6.67 -18.15
C GLN B 79 -20.35 -7.90 -18.84
N VAL B 80 -20.09 -8.93 -18.07
CA VAL B 80 -19.68 -10.22 -18.61
C VAL B 80 -20.64 -11.24 -18.05
N VAL B 81 -21.17 -12.12 -18.89
CA VAL B 81 -22.12 -13.11 -18.41
C VAL B 81 -21.50 -14.49 -18.52
N LEU B 82 -21.70 -15.30 -17.50
CA LEU B 82 -21.25 -16.69 -17.51
C LEU B 82 -22.45 -17.59 -17.32
N LYS B 83 -22.57 -18.61 -18.15
CA LYS B 83 -23.65 -19.58 -18.01
C LYS B 83 -23.06 -20.94 -17.74
N VAL B 84 -23.73 -21.69 -16.86
CA VAL B 84 -23.29 -23.02 -16.48
C VAL B 84 -24.46 -23.97 -16.60
N THR B 85 -24.37 -24.92 -17.53
CA THR B 85 -25.46 -25.87 -17.75
C THR B 85 -25.46 -26.98 -16.71
N ASN B 86 -26.62 -27.60 -16.56
CA ASN B 86 -26.78 -28.85 -15.84
C ASN B 86 -26.20 -28.78 -14.42
N MET B 87 -26.68 -27.81 -13.65
CA MET B 87 -26.14 -27.60 -12.29
C MET B 87 -26.36 -28.80 -11.37
N ASP B 88 -25.38 -29.03 -10.51
CA ASP B 88 -25.40 -30.17 -9.60
C ASP B 88 -25.06 -29.61 -8.22
N PRO B 89 -25.48 -30.28 -7.14
CA PRO B 89 -25.10 -29.76 -5.82
C PRO B 89 -23.57 -29.60 -5.65
N ALA B 90 -22.78 -30.34 -6.41
CA ALA B 90 -21.33 -30.17 -6.39
C ALA B 90 -20.90 -28.78 -6.90
N ASP B 91 -21.80 -28.08 -7.58
CA ASP B 91 -21.50 -26.72 -8.07
C ASP B 91 -21.88 -25.66 -7.05
N THR B 92 -22.46 -26.06 -5.92
CA THR B 92 -22.74 -25.10 -4.86
C THR B 92 -21.44 -24.43 -4.44
N ALA B 93 -21.40 -23.11 -4.52
CA ALA B 93 -20.16 -22.38 -4.31
C ALA B 93 -20.39 -20.89 -4.30
N THR B 94 -19.38 -20.16 -3.86
CA THR B 94 -19.35 -18.74 -4.07
C THR B 94 -18.63 -18.50 -5.40
N TYR B 95 -19.23 -17.66 -6.26
CA TYR B 95 -18.70 -17.36 -7.59
C TYR B 95 -18.17 -15.93 -7.66
N TYR B 96 -16.94 -15.78 -8.15
CA TYR B 96 -16.26 -14.48 -8.20
C TYR B 96 -15.94 -14.11 -9.63
N CYS B 97 -16.02 -12.83 -9.97
CA CYS B 97 -15.42 -12.37 -11.23
C CYS B 97 -14.23 -11.49 -10.86
N ALA B 98 -13.27 -11.33 -11.77
CA ALA B 98 -12.05 -10.58 -11.44
C ALA B 98 -11.42 -10.09 -12.74
N ARG B 99 -10.61 -9.04 -12.65
CA ARG B 99 -10.01 -8.46 -13.84
C ARG B 99 -8.64 -9.07 -14.05
N ASP B 100 -8.29 -9.27 -15.32
CA ASP B 100 -6.97 -9.72 -15.72
C ASP B 100 -6.54 -8.80 -16.88
N MET B 101 -5.27 -8.83 -17.22
CA MET B 101 -4.75 -8.13 -18.40
C MET B 101 -3.69 -8.97 -19.04
N ILE B 102 -3.49 -8.82 -20.34
CA ILE B 102 -2.54 -9.67 -21.04
C ILE B 102 -1.10 -9.32 -20.62
N PHE B 103 -0.93 -8.14 -20.05
CA PHE B 103 0.37 -7.72 -19.51
C PHE B 103 0.66 -8.40 -18.16
N ASN B 104 -0.35 -9.04 -17.57
CA ASN B 104 -0.26 -9.49 -16.18
C ASN B 104 -0.40 -11.02 -16.05
N PHE B 105 -1.50 -11.55 -16.55
CA PHE B 105 -1.88 -12.94 -16.26
C PHE B 105 -1.91 -13.23 -14.74
N TYR B 106 -2.54 -12.32 -14.04
CA TYR B 106 -2.97 -12.54 -12.65
C TYR B 106 -4.19 -11.67 -12.42
N PHE B 107 -5.09 -12.13 -11.56
CA PHE B 107 -6.32 -11.38 -11.26
C PHE B 107 -6.02 -10.35 -10.18
N ASP B 108 -6.01 -9.07 -10.53
CA ASP B 108 -5.52 -8.07 -9.60
C ASP B 108 -6.64 -7.41 -8.79
N VAL B 109 -7.86 -7.46 -9.30
CA VAL B 109 -9.05 -7.00 -8.58
C VAL B 109 -10.19 -8.00 -8.72
N TRP B 110 -10.83 -8.31 -7.60
CA TRP B 110 -11.94 -9.30 -7.58
C TRP B 110 -13.24 -8.65 -7.13
N GLY B 111 -14.36 -9.25 -7.50
CA GLY B 111 -15.64 -8.86 -6.95
C GLY B 111 -15.78 -9.45 -5.55
N GLN B 112 -16.88 -9.11 -4.89
CA GLN B 112 -17.17 -9.59 -3.54
C GLN B 112 -17.64 -11.04 -3.53
N GLY B 113 -18.07 -11.51 -4.68
CA GLY B 113 -18.55 -12.86 -4.82
C GLY B 113 -20.05 -12.95 -4.62
N THR B 114 -20.67 -13.94 -5.26
CA THR B 114 -22.09 -14.18 -5.09
C THR B 114 -22.29 -15.67 -4.83
N THR B 115 -23.11 -15.99 -3.84
CA THR B 115 -23.23 -17.37 -3.42
C THR B 115 -24.37 -18.04 -4.16
N VAL B 116 -24.10 -19.22 -4.70
CA VAL B 116 -25.10 -20.02 -5.38
C VAL B 116 -25.24 -21.39 -4.72
N THR B 117 -26.47 -21.79 -4.48
CA THR B 117 -26.75 -23.10 -3.93
C THR B 117 -27.57 -23.89 -4.92
N VAL B 118 -27.19 -25.14 -5.18
CA VAL B 118 -27.95 -26.02 -6.06
C VAL B 118 -28.74 -27.02 -5.21
N SER B 119 -30.06 -26.90 -5.23
CA SER B 119 -30.91 -27.71 -4.37
C SER B 119 -32.34 -27.72 -4.92
N SER B 120 -33.03 -28.82 -4.66
CA SER B 120 -34.45 -28.92 -4.98
C SER B 120 -35.31 -28.25 -3.92
N ALA B 121 -34.76 -28.02 -2.74
CA ALA B 121 -35.52 -27.42 -1.66
C ALA B 121 -35.88 -25.98 -2.04
N SER B 122 -36.95 -25.44 -1.48
CA SER B 122 -37.38 -24.11 -1.89
C SER B 122 -36.93 -23.02 -0.91
N THR B 123 -37.01 -21.78 -1.38
CA THR B 123 -36.55 -20.62 -0.60
C THR B 123 -37.41 -20.44 0.66
N LYS B 124 -36.77 -20.10 1.77
CA LYS B 124 -37.49 -19.79 2.99
C LYS B 124 -36.85 -18.62 3.71
N GLY B 125 -37.67 -17.68 4.17
CA GLY B 125 -37.17 -16.46 4.77
C GLY B 125 -36.94 -16.63 6.26
N PRO B 126 -36.06 -15.81 6.83
CA PRO B 126 -35.74 -15.93 8.24
C PRO B 126 -36.77 -15.27 9.13
N SER B 127 -36.87 -15.74 10.35
CA SER B 127 -37.48 -14.99 11.43
C SER B 127 -36.33 -14.35 12.19
N VAL B 128 -36.48 -13.10 12.58
CA VAL B 128 -35.43 -12.40 13.33
C VAL B 128 -35.94 -12.11 14.74
N PHE B 129 -35.21 -12.55 15.75
CA PHE B 129 -35.64 -12.40 17.14
C PHE B 129 -34.62 -11.63 17.97
N PRO B 130 -35.09 -10.88 18.98
CA PRO B 130 -34.20 -10.12 19.86
C PRO B 130 -33.38 -11.02 20.77
N LEU B 131 -32.12 -10.65 20.97
CA LEU B 131 -31.29 -11.20 22.03
C LEU B 131 -30.98 -10.03 22.96
N ALA B 132 -31.95 -9.71 23.80
CA ALA B 132 -31.92 -8.51 24.61
C ALA B 132 -30.82 -8.59 25.67
N PRO B 133 -30.10 -7.48 25.88
CA PRO B 133 -29.07 -7.52 26.92
C PRO B 133 -29.76 -7.54 28.28
N SER B 134 -29.14 -8.17 29.26
CA SER B 134 -29.69 -8.21 30.62
C SER B 134 -28.54 -8.35 31.61
N SER B 135 -28.87 -8.46 32.90
CA SER B 135 -27.84 -8.67 33.92
C SER B 135 -27.08 -9.96 33.62
N LYS B 136 -27.74 -10.88 32.94
CA LYS B 136 -27.15 -12.19 32.61
C LYS B 136 -26.22 -12.21 31.39
N SER B 137 -26.14 -11.11 30.64
CA SER B 137 -25.19 -11.02 29.54
C SER B 137 -24.17 -9.90 29.78
N THR B 138 -23.92 -9.61 31.06
CA THR B 138 -23.01 -8.53 31.44
C THR B 138 -21.74 -9.05 32.08
N SER B 139 -20.61 -8.50 31.66
CA SER B 139 -19.30 -8.76 32.25
C SER B 139 -18.58 -7.41 32.33
N GLY B 140 -18.33 -6.93 33.55
CA GLY B 140 -17.87 -5.56 33.69
C GLY B 140 -19.08 -4.67 33.89
N GLY B 141 -19.14 -3.48 33.29
CA GLY B 141 -18.22 -3.05 32.24
C GLY B 141 -18.92 -3.11 30.89
N THR B 142 -19.41 -4.30 30.54
CA THR B 142 -19.84 -4.58 29.18
C THR B 142 -21.06 -5.49 29.15
N ALA B 143 -21.99 -5.24 28.22
CA ALA B 143 -23.13 -6.12 28.05
C ALA B 143 -23.17 -6.63 26.62
N ALA B 144 -23.49 -7.90 26.44
CA ALA B 144 -23.71 -8.46 25.11
C ALA B 144 -25.19 -8.42 24.76
N LEU B 145 -25.48 -8.27 23.47
CA LEU B 145 -26.84 -8.29 22.96
C LEU B 145 -26.73 -8.75 21.51
N GLY B 146 -27.85 -9.00 20.84
CA GLY B 146 -27.77 -9.51 19.48
C GLY B 146 -29.09 -9.83 18.84
N CYS B 147 -29.05 -10.53 17.71
CA CYS B 147 -30.26 -10.96 17.01
C CYS B 147 -30.11 -12.40 16.57
N LEU B 148 -31.19 -13.16 16.72
CA LEU B 148 -31.22 -14.56 16.33
C LEU B 148 -31.97 -14.69 15.00
N VAL B 149 -31.27 -15.13 13.96
CA VAL B 149 -31.86 -15.27 12.63
C VAL B 149 -32.10 -16.75 12.32
N LYS B 150 -33.35 -17.19 12.38
CA LYS B 150 -33.63 -18.61 12.37
C LYS B 150 -34.51 -19.06 11.20
N ASP B 151 -34.31 -20.32 10.79
CA ASP B 151 -35.17 -20.98 9.80
C ASP B 151 -35.15 -20.32 8.43
N TYR B 152 -34.00 -20.31 7.77
CA TYR B 152 -33.93 -19.75 6.43
C TYR B 152 -33.22 -20.69 5.45
N PHE B 153 -33.38 -20.40 4.16
CA PHE B 153 -32.73 -21.18 3.12
C PHE B 153 -32.89 -20.41 1.82
N PRO B 154 -31.85 -20.43 0.94
CA PRO B 154 -30.51 -20.94 1.17
C PRO B 154 -29.68 -19.89 1.90
N GLU B 155 -28.38 -20.13 2.05
CA GLU B 155 -27.47 -19.06 2.42
C GLU B 155 -27.41 -18.04 1.27
N PRO B 156 -27.00 -16.79 1.58
CA PRO B 156 -26.49 -16.34 2.88
C PRO B 156 -27.42 -15.33 3.54
N VAL B 157 -27.12 -15.05 4.79
CA VAL B 157 -27.73 -13.94 5.49
C VAL B 157 -26.64 -12.95 5.87
N THR B 158 -26.88 -11.65 5.67
CA THR B 158 -25.93 -10.65 6.13
C THR B 158 -26.52 -9.84 7.27
N VAL B 159 -25.69 -9.50 8.24
CA VAL B 159 -26.14 -8.72 9.38
C VAL B 159 -25.19 -7.55 9.63
N SER B 160 -25.75 -6.34 9.66
CA SER B 160 -25.00 -5.17 10.08
C SER B 160 -25.64 -4.64 11.35
N TRP B 161 -24.94 -3.75 12.05
CA TRP B 161 -25.49 -3.10 13.24
C TRP B 161 -25.47 -1.57 13.06
N ASN B 162 -26.61 -0.94 13.33
CA ASN B 162 -26.74 0.51 13.25
C ASN B 162 -26.33 1.03 11.86
N SER B 163 -26.78 0.33 10.83
CA SER B 163 -26.51 0.71 9.45
C SER B 163 -25.00 0.76 9.18
N GLY B 164 -24.25 -0.09 9.85
CA GLY B 164 -22.81 -0.19 9.64
C GLY B 164 -21.98 0.69 10.57
N ALA B 165 -22.65 1.53 11.35
CA ALA B 165 -21.95 2.45 12.26
C ALA B 165 -21.31 1.71 13.43
N LEU B 166 -21.92 0.60 13.83
CA LEU B 166 -21.38 -0.23 14.91
C LEU B 166 -20.64 -1.43 14.34
N THR B 167 -19.33 -1.48 14.52
CA THR B 167 -18.52 -2.59 14.00
C THR B 167 -17.70 -3.27 15.08
N SER B 168 -17.15 -2.51 16.02
CA SER B 168 -16.35 -3.09 17.09
C SER B 168 -17.21 -3.98 17.98
N GLY B 169 -16.72 -5.18 18.28
CA GLY B 169 -17.40 -6.09 19.20
C GLY B 169 -18.45 -7.01 18.59
N VAL B 170 -18.74 -6.83 17.31
CA VAL B 170 -19.74 -7.67 16.67
C VAL B 170 -19.19 -9.06 16.30
N HIS B 171 -19.86 -10.12 16.73
CA HIS B 171 -19.64 -11.46 16.19
C HIS B 171 -20.91 -12.01 15.54
N THR B 172 -20.89 -12.18 14.22
CA THR B 172 -21.96 -12.91 13.54
C THR B 172 -21.48 -14.34 13.29
N PHE B 173 -22.15 -15.31 13.90
CA PHE B 173 -21.72 -16.70 13.83
C PHE B 173 -22.06 -17.33 12.47
N PRO B 174 -21.20 -18.27 12.02
CA PRO B 174 -21.51 -19.06 10.82
C PRO B 174 -22.83 -19.79 11.02
N ALA B 175 -23.65 -19.87 9.97
CA ALA B 175 -24.92 -20.54 10.07
C ALA B 175 -24.71 -22.01 10.33
N VAL B 176 -25.67 -22.62 11.00
CA VAL B 176 -25.66 -24.05 11.23
C VAL B 176 -26.88 -24.61 10.54
N LEU B 177 -26.74 -25.78 9.92
CA LEU B 177 -27.88 -26.45 9.31
C LEU B 177 -28.62 -27.28 10.34
N GLN B 178 -29.90 -26.97 10.53
CA GLN B 178 -30.76 -27.70 11.46
C GLN B 178 -31.27 -28.97 10.79
N SER B 179 -31.86 -29.87 11.57
CA SER B 179 -32.34 -31.12 11.02
C SER B 179 -33.51 -30.89 10.08
N SER B 180 -34.26 -29.82 10.31
CA SER B 180 -35.35 -29.42 9.42
C SER B 180 -34.83 -29.11 8.01
N GLY B 181 -33.52 -28.98 7.88
CA GLY B 181 -32.89 -28.66 6.61
C GLY B 181 -32.71 -27.17 6.40
N LEU B 182 -33.00 -26.39 7.43
CA LEU B 182 -32.93 -24.94 7.36
C LEU B 182 -31.75 -24.42 8.16
N TYR B 183 -31.27 -23.23 7.82
CA TYR B 183 -30.15 -22.62 8.52
C TYR B 183 -30.61 -21.72 9.65
N SER B 184 -29.70 -21.48 10.59
CA SER B 184 -29.95 -20.55 11.68
C SER B 184 -28.61 -19.97 12.12
N LEU B 185 -28.57 -18.68 12.41
CA LEU B 185 -27.36 -18.09 12.98
C LEU B 185 -27.73 -16.99 13.98
N SER B 186 -26.75 -16.55 14.76
CA SER B 186 -26.94 -15.41 15.64
C SER B 186 -25.91 -14.36 15.31
N SER B 187 -26.21 -13.11 15.63
CA SER B 187 -25.21 -12.06 15.62
C SER B 187 -25.26 -11.41 16.98
N VAL B 188 -24.11 -11.08 17.55
CA VAL B 188 -24.06 -10.49 18.87
C VAL B 188 -23.01 -9.39 18.88
N VAL B 189 -23.11 -8.49 19.84
CA VAL B 189 -22.17 -7.40 19.95
C VAL B 189 -22.10 -6.98 21.40
N THR B 190 -20.90 -6.73 21.88
CA THR B 190 -20.73 -6.25 23.24
C THR B 190 -20.50 -4.74 23.20
N VAL B 191 -21.19 -4.04 24.09
CA VAL B 191 -21.18 -2.59 24.16
C VAL B 191 -21.08 -2.18 25.62
N PRO B 192 -20.75 -0.90 25.88
CA PRO B 192 -20.71 -0.51 27.29
C PRO B 192 -22.10 -0.59 27.91
N SER B 193 -22.18 -1.09 29.15
CA SER B 193 -23.45 -1.19 29.85
C SER B 193 -24.09 0.18 30.05
N SER B 194 -23.24 1.22 30.15
CA SER B 194 -23.69 2.58 30.42
C SER B 194 -24.38 3.21 29.21
N SER B 195 -24.31 2.53 28.06
CA SER B 195 -24.93 3.01 26.84
C SER B 195 -26.31 2.40 26.62
N LEU B 196 -26.67 1.42 27.46
CA LEU B 196 -27.94 0.72 27.29
C LEU B 196 -29.12 1.68 27.26
N GLY B 197 -29.02 2.78 28.01
CA GLY B 197 -30.11 3.72 28.11
C GLY B 197 -30.10 4.80 27.05
N THR B 198 -28.93 5.13 26.53
CA THR B 198 -28.78 6.30 25.67
C THR B 198 -28.55 5.99 24.19
N GLN B 199 -28.09 4.77 23.89
CA GLN B 199 -27.74 4.41 22.53
C GLN B 199 -28.65 3.32 21.97
N THR B 200 -29.35 3.63 20.88
CA THR B 200 -30.19 2.64 20.22
C THR B 200 -29.35 1.63 19.45
N TYR B 201 -29.69 0.36 19.56
CA TYR B 201 -28.96 -0.70 18.89
C TYR B 201 -29.91 -1.49 17.99
N ILE B 202 -29.61 -1.51 16.70
CA ILE B 202 -30.49 -2.09 15.71
C ILE B 202 -29.70 -3.06 14.80
N CYS B 203 -30.18 -4.30 14.69
CA CYS B 203 -29.57 -5.24 13.74
C CYS B 203 -30.32 -5.20 12.41
N ASN B 204 -29.58 -4.93 11.35
CA ASN B 204 -30.14 -4.92 10.00
C ASN B 204 -29.87 -6.26 9.34
N VAL B 205 -30.93 -7.02 9.10
CA VAL B 205 -30.80 -8.38 8.59
C VAL B 205 -31.27 -8.46 7.15
N ASN B 206 -30.38 -8.89 6.26
CA ASN B 206 -30.76 -9.12 4.87
C ASN B 206 -30.69 -10.60 4.55
N HIS B 207 -31.79 -11.13 4.03
CA HIS B 207 -31.78 -12.43 3.36
C HIS B 207 -32.25 -12.14 1.96
N LYS B 208 -31.32 -11.82 1.09
CA LYS B 208 -31.62 -11.48 -0.28
C LYS B 208 -32.31 -12.61 -1.06
N PRO B 209 -31.93 -13.87 -0.81
CA PRO B 209 -32.61 -14.95 -1.54
C PRO B 209 -34.14 -14.92 -1.41
N SER B 210 -34.65 -14.47 -0.27
CA SER B 210 -36.11 -14.41 -0.08
C SER B 210 -36.64 -12.98 -0.08
N ASN B 211 -35.80 -12.05 -0.53
CA ASN B 211 -36.15 -10.62 -0.54
C ASN B 211 -36.60 -10.11 0.83
N THR B 212 -36.01 -10.64 1.90
CA THR B 212 -36.34 -10.22 3.24
C THR B 212 -35.33 -9.19 3.76
N LYS B 213 -35.85 -8.11 4.34
CA LYS B 213 -35.05 -7.11 5.02
C LYS B 213 -35.75 -6.77 6.32
N VAL B 214 -35.01 -6.84 7.42
CA VAL B 214 -35.58 -6.61 8.75
C VAL B 214 -34.64 -5.77 9.60
N ASP B 215 -35.12 -4.62 10.07
CA ASP B 215 -34.35 -3.83 11.03
C ASP B 215 -34.98 -3.99 12.41
N LYS B 216 -34.36 -4.80 13.25
CA LYS B 216 -34.88 -5.05 14.60
C LYS B 216 -34.11 -4.27 15.67
N LYS B 217 -34.85 -3.53 16.49
CA LYS B 217 -34.26 -2.81 17.61
C LYS B 217 -34.17 -3.76 18.80
N VAL B 218 -32.97 -3.85 19.39
CA VAL B 218 -32.71 -4.76 20.50
C VAL B 218 -32.44 -3.96 21.78
N GLU B 219 -33.32 -4.10 22.77
CA GLU B 219 -33.28 -3.30 24.00
C GLU B 219 -33.41 -4.15 25.28
N PRO B 220 -33.00 -3.58 26.43
CA PRO B 220 -33.11 -4.28 27.72
C PRO B 220 -34.54 -4.76 28.00
N ASP C 1 28.55 -0.02 -19.18
CA ASP C 1 28.37 1.39 -18.70
C ASP C 1 29.38 1.69 -17.59
N ILE C 2 29.80 2.94 -17.48
CA ILE C 2 30.70 3.33 -16.41
C ILE C 2 29.93 3.48 -15.11
N GLN C 3 30.29 2.72 -14.07
CA GLN C 3 29.61 2.86 -12.79
C GLN C 3 30.58 3.19 -11.67
N MET C 4 30.07 3.87 -10.65
CA MET C 4 30.92 4.39 -9.58
C MET C 4 30.54 3.76 -8.27
N THR C 5 31.55 3.34 -7.54
CA THR C 5 31.36 2.80 -6.20
C THR C 5 31.83 3.87 -5.25
N GLN C 6 30.96 4.24 -4.34
CA GLN C 6 31.23 5.28 -3.37
C GLN C 6 31.41 4.67 -1.99
N SER C 7 32.45 5.10 -1.28
CA SER C 7 32.58 4.68 0.11
C SER C 7 33.07 5.85 0.97
N PRO C 8 32.74 5.81 2.27
CA PRO C 8 31.82 4.81 2.81
C PRO C 8 30.40 5.14 2.39
N SER C 9 29.43 4.26 2.63
CA SER C 9 28.06 4.59 2.27
C SER C 9 27.46 5.49 3.36
N THR C 10 28.06 5.42 4.55
CA THR C 10 27.63 6.23 5.68
C THR C 10 28.83 6.60 6.55
N LEU C 11 28.80 7.81 7.13
CA LEU C 11 29.81 8.21 8.08
C LEU C 11 29.21 9.22 9.06
N SER C 12 29.75 9.23 10.28
CA SER C 12 29.40 10.23 11.28
C SER C 12 30.66 10.95 11.73
N ALA C 13 30.58 12.26 11.95
CA ALA C 13 31.76 13.05 12.28
C ALA C 13 31.38 14.32 13.06
N SER C 14 32.24 14.73 13.99
CA SER C 14 31.96 15.89 14.83
C SER C 14 32.18 17.20 14.09
N VAL C 15 31.49 18.26 14.52
CA VAL C 15 31.70 19.58 13.96
C VAL C 15 33.17 19.93 14.02
N GLY C 16 33.73 20.37 12.89
CA GLY C 16 35.13 20.76 12.84
C GLY C 16 36.07 19.68 12.35
N ASP C 17 35.57 18.47 12.18
CA ASP C 17 36.38 17.36 11.66
C ASP C 17 36.59 17.47 10.16
N ARG C 18 37.62 16.81 9.67
CA ARG C 18 37.87 16.70 8.23
C ARG C 18 37.34 15.36 7.79
N VAL C 19 36.47 15.36 6.78
CA VAL C 19 35.81 14.15 6.33
C VAL C 19 36.13 13.94 4.84
N THR C 20 36.31 12.68 4.44
CA THR C 20 36.64 12.37 3.05
C THR C 20 35.78 11.24 2.49
N ILE C 21 35.30 11.43 1.27
CA ILE C 21 34.46 10.46 0.59
C ILE C 21 35.14 10.10 -0.71
N THR C 22 35.11 8.83 -1.07
CA THR C 22 35.84 8.38 -2.24
C THR C 22 34.90 7.78 -3.28
N CYS C 23 35.20 8.02 -4.55
CA CYS C 23 34.39 7.54 -5.65
C CYS C 23 35.33 6.81 -6.57
N SER C 24 35.01 5.56 -6.89
CA SER C 24 35.85 4.75 -7.73
C SER C 24 35.08 4.36 -8.99
N ALA C 25 35.53 4.82 -10.14
CA ALA C 25 34.84 4.54 -11.40
C ALA C 25 35.34 3.22 -11.99
N SER C 26 34.44 2.49 -12.64
CA SER C 26 34.76 1.16 -13.12
C SER C 26 35.67 1.23 -14.33
N SER C 27 35.70 2.38 -14.99
CA SER C 27 36.75 2.66 -15.96
C SER C 27 37.04 4.16 -15.97
N ARG C 28 38.11 4.55 -16.67
CA ARG C 28 38.64 5.90 -16.61
C ARG C 28 37.64 6.98 -17.06
N VAL C 29 37.62 8.13 -16.38
CA VAL C 29 36.83 9.29 -16.82
C VAL C 29 37.71 10.53 -16.75
N GLY C 30 37.38 11.55 -17.53
CA GLY C 30 38.19 12.76 -17.60
C GLY C 30 37.99 13.67 -16.41
N TYR C 31 36.82 13.57 -15.78
CA TYR C 31 36.40 14.44 -14.68
C TYR C 31 35.44 13.69 -13.78
N MET C 32 35.40 14.07 -12.52
CA MET C 32 34.34 13.60 -11.65
C MET C 32 33.65 14.82 -11.07
N HIS C 33 32.33 14.73 -10.91
CA HIS C 33 31.54 15.83 -10.38
C HIS C 33 30.80 15.34 -9.16
N TRP C 34 30.41 16.26 -8.29
CA TRP C 34 29.82 15.86 -7.02
C TRP C 34 28.58 16.66 -6.73
N TYR C 35 27.56 16.00 -6.17
CA TYR C 35 26.34 16.66 -5.77
C TYR C 35 26.09 16.48 -4.28
N GLN C 36 25.50 17.50 -3.67
CA GLN C 36 25.08 17.43 -2.28
C GLN C 36 23.56 17.42 -2.26
N GLN C 37 22.95 16.48 -1.55
CA GLN C 37 21.50 16.44 -1.50
C GLN C 37 21.03 16.41 -0.05
N LYS C 38 20.34 17.48 0.34
CA LYS C 38 19.74 17.52 1.66
C LYS C 38 18.32 16.96 1.57
N PRO C 39 17.78 16.50 2.70
CA PRO C 39 16.46 15.85 2.72
C PRO C 39 15.33 16.67 2.09
N GLY C 40 14.56 16.04 1.23
CA GLY C 40 13.42 16.67 0.59
C GLY C 40 13.78 17.76 -0.41
N LYS C 41 15.05 17.81 -0.80
CA LYS C 41 15.51 18.84 -1.73
C LYS C 41 16.19 18.22 -2.96
N ALA C 42 16.28 18.97 -4.03
CA ALA C 42 16.99 18.53 -5.22
C ALA C 42 18.49 18.54 -4.95
N PRO C 43 19.24 17.64 -5.61
CA PRO C 43 20.70 17.68 -5.55
C PRO C 43 21.20 19.04 -5.99
N LYS C 44 22.35 19.45 -5.45
CA LYS C 44 22.94 20.72 -5.77
C LYS C 44 24.39 20.46 -6.18
N LEU C 45 24.80 21.03 -7.31
CA LEU C 45 26.18 20.91 -7.74
C LEU C 45 27.08 21.46 -6.66
N LEU C 46 28.12 20.72 -6.32
CA LEU C 46 28.99 21.07 -5.20
C LEU C 46 30.43 21.25 -5.68
N ILE C 47 30.97 20.21 -6.31
CA ILE C 47 32.27 20.28 -6.99
C ILE C 47 32.07 19.80 -8.42
N TYR C 48 32.66 20.49 -9.40
CA TYR C 48 32.62 20.03 -10.78
C TYR C 48 34.02 20.00 -11.36
N ASP C 49 34.20 19.31 -12.48
CA ASP C 49 35.51 19.18 -13.11
C ASP C 49 36.58 18.77 -12.09
N THR C 50 36.16 17.89 -11.17
CA THR C 50 37.03 17.19 -10.21
C THR C 50 37.42 18.02 -9.00
N SER C 51 37.84 19.27 -9.23
CA SER C 51 38.40 20.08 -8.16
C SER C 51 37.84 21.50 -8.10
N LYS C 52 36.90 21.83 -8.97
CA LYS C 52 36.37 23.19 -9.02
C LYS C 52 35.12 23.38 -8.13
N LEU C 53 35.11 24.48 -7.39
CA LEU C 53 34.02 24.79 -6.47
C LEU C 53 32.83 25.41 -7.18
N ALA C 54 31.63 24.86 -6.98
CA ALA C 54 30.46 25.40 -7.64
C ALA C 54 30.02 26.67 -6.93
N SER C 55 29.17 27.45 -7.59
CA SER C 55 28.79 28.75 -7.04
C SER C 55 28.11 28.56 -5.68
N GLY C 56 28.39 29.47 -4.76
CA GLY C 56 27.75 29.46 -3.46
C GLY C 56 28.22 28.34 -2.56
N VAL C 57 29.37 27.77 -2.87
CA VAL C 57 29.91 26.66 -2.07
C VAL C 57 31.16 27.10 -1.31
N PRO C 58 31.14 26.97 0.03
CA PRO C 58 32.25 27.31 0.91
C PRO C 58 33.56 26.62 0.54
N SER C 59 34.68 27.28 0.85
CA SER C 59 35.98 26.76 0.45
C SER C 59 36.40 25.56 1.31
N ARG C 60 35.64 25.27 2.35
CA ARG C 60 35.94 24.09 3.17
C ARG C 60 35.75 22.81 2.35
N PHE C 61 35.00 22.89 1.27
CA PHE C 61 34.83 21.77 0.35
C PHE C 61 35.93 21.76 -0.70
N SER C 62 36.48 20.58 -0.98
CA SER C 62 37.41 20.44 -2.10
C SER C 62 37.28 19.06 -2.74
N GLY C 63 37.81 18.92 -3.95
CA GLY C 63 37.79 17.64 -4.62
C GLY C 63 39.12 17.35 -5.25
N SER C 64 39.42 16.07 -5.47
CA SER C 64 40.68 15.71 -6.12
C SER C 64 40.57 14.36 -6.82
N GLY C 65 41.60 14.01 -7.58
CA GLY C 65 41.67 12.68 -8.17
C GLY C 65 41.90 12.69 -9.66
N SER C 66 42.01 11.50 -10.23
CA SER C 66 42.17 11.35 -11.67
C SER C 66 42.04 9.88 -12.02
N GLY C 67 41.91 9.57 -13.30
CA GLY C 67 41.77 8.18 -13.71
C GLY C 67 40.45 7.58 -13.26
N THR C 68 40.51 6.72 -12.26
CA THR C 68 39.33 6.03 -11.76
C THR C 68 39.04 6.37 -10.28
N GLU C 69 39.95 7.10 -9.62
CA GLU C 69 39.81 7.31 -8.17
C GLU C 69 39.68 8.79 -7.84
N PHE C 70 38.58 9.17 -7.22
CA PHE C 70 38.35 10.59 -6.93
C PHE C 70 37.87 10.77 -5.52
N THR C 71 38.12 11.94 -4.92
CA THR C 71 37.69 12.16 -3.56
C THR C 71 37.00 13.51 -3.40
N LEU C 72 36.09 13.59 -2.44
CA LEU C 72 35.50 14.85 -2.03
C LEU C 72 35.89 15.04 -0.56
N THR C 73 36.39 16.21 -0.19
CA THR C 73 36.80 16.47 1.19
C THR C 73 36.05 17.66 1.78
N ILE C 74 35.61 17.52 3.02
CA ILE C 74 35.03 18.61 3.79
C ILE C 74 36.01 18.84 4.93
N SER C 75 36.68 19.98 4.96
CA SER C 75 37.87 20.10 5.81
C SER C 75 37.58 20.52 7.26
N SER C 76 36.44 21.17 7.50
CA SER C 76 35.98 21.40 8.86
C SER C 76 34.45 21.35 8.90
N LEU C 77 33.94 20.17 9.16
CA LEU C 77 32.52 19.86 9.03
C LEU C 77 31.66 20.88 9.79
N GLN C 78 30.48 21.17 9.26
CA GLN C 78 29.53 22.07 9.91
C GLN C 78 28.17 21.38 10.00
N PRO C 79 27.35 21.77 11.00
CA PRO C 79 26.02 21.16 11.17
C PRO C 79 25.21 21.13 9.87
N ASP C 80 25.36 22.15 9.05
CA ASP C 80 24.58 22.26 7.82
C ASP C 80 25.16 21.39 6.70
N ASP C 81 26.19 20.60 7.00
CA ASP C 81 26.75 19.68 6.02
C ASP C 81 26.13 18.30 6.05
N PHE C 82 25.18 18.09 6.95
CA PHE C 82 24.39 16.88 6.93
C PHE C 82 23.70 16.75 5.56
N ALA C 83 23.90 15.64 4.87
CA ALA C 83 23.29 15.46 3.56
C ALA C 83 23.75 14.12 2.98
N THR C 84 23.21 13.75 1.82
CA THR C 84 23.76 12.65 1.05
C THR C 84 24.54 13.23 -0.13
N TYR C 85 25.76 12.75 -0.34
CA TYR C 85 26.65 13.31 -1.35
C TYR C 85 26.80 12.24 -2.45
N TYR C 86 26.70 12.63 -3.72
CA TYR C 86 26.82 11.68 -4.85
C TYR C 86 27.91 12.12 -5.84
N CYS C 87 28.76 11.20 -6.30
CA CYS C 87 29.62 11.53 -7.44
C CYS C 87 28.81 11.29 -8.72
N PHE C 88 29.29 11.83 -9.84
CA PHE C 88 28.54 11.79 -11.10
C PHE C 88 29.54 11.92 -12.22
N GLN C 89 29.41 11.13 -13.27
CA GLN C 89 30.28 11.27 -14.43
C GLN C 89 29.42 11.56 -15.65
N GLY C 90 29.86 12.51 -16.46
CA GLY C 90 29.23 12.81 -17.73
C GLY C 90 30.19 12.59 -18.89
N SER C 91 31.24 11.81 -18.66
CA SER C 91 32.25 11.59 -19.70
C SER C 91 31.79 10.59 -20.74
N GLY C 92 30.77 9.80 -20.40
CA GLY C 92 30.24 8.81 -21.34
C GLY C 92 28.77 8.53 -21.05
N TYR C 93 28.01 8.21 -22.09
CA TYR C 93 26.60 7.82 -21.93
C TYR C 93 26.51 6.31 -21.70
N PRO C 94 25.61 5.86 -20.80
CA PRO C 94 24.68 6.71 -20.03
C PRO C 94 25.43 7.47 -18.93
N PHE C 95 24.99 8.68 -18.61
CA PHE C 95 25.49 9.37 -17.44
C PHE C 95 25.16 8.48 -16.24
N THR C 96 26.00 8.50 -15.21
CA THR C 96 25.77 7.67 -14.03
C THR C 96 26.18 8.41 -12.75
N PHE C 97 25.56 8.00 -11.64
CA PHE C 97 25.85 8.51 -10.31
C PHE C 97 26.37 7.38 -9.45
N GLY C 98 27.18 7.70 -8.45
CA GLY C 98 27.51 6.77 -7.40
C GLY C 98 26.30 6.51 -6.52
N GLY C 99 26.47 5.62 -5.55
CA GLY C 99 25.37 5.15 -4.74
C GLY C 99 25.06 6.08 -3.59
N GLY C 100 25.92 7.07 -3.38
CA GLY C 100 25.69 8.08 -2.36
C GLY C 100 26.42 7.79 -1.06
N THR C 101 26.74 8.84 -0.31
CA THR C 101 27.30 8.71 1.03
C THR C 101 26.51 9.61 1.97
N LYS C 102 25.85 9.01 2.95
CA LYS C 102 25.13 9.76 3.94
C LYS C 102 26.11 10.27 5.00
N VAL C 103 26.14 11.58 5.20
CA VAL C 103 26.99 12.20 6.21
C VAL C 103 26.15 12.70 7.38
N GLU C 104 26.41 12.17 8.57
CA GLU C 104 25.73 12.59 9.79
C GLU C 104 26.70 13.35 10.70
N ILE C 105 26.19 14.29 11.49
CA ILE C 105 27.02 15.04 12.43
C ILE C 105 26.97 14.39 13.82
N LYS C 106 28.15 14.04 14.36
CA LYS C 106 28.27 13.58 15.74
C LYS C 106 28.21 14.77 16.67
N ARG C 107 27.43 14.66 17.74
CA ARG C 107 27.39 15.70 18.74
C ARG C 107 27.25 15.11 20.12
N THR C 108 27.11 15.96 21.12
CA THR C 108 26.96 15.51 22.49
C THR C 108 25.59 14.85 22.68
N VAL C 109 25.55 13.79 23.48
CA VAL C 109 24.30 13.15 23.82
C VAL C 109 23.32 14.18 24.38
N ALA C 110 22.05 14.08 23.97
CA ALA C 110 21.01 14.98 24.44
C ALA C 110 19.71 14.21 24.62
N ALA C 111 19.22 14.11 25.86
CA ALA C 111 17.96 13.44 26.15
C ALA C 111 16.78 14.09 25.42
N PRO C 112 15.78 13.29 25.02
CA PRO C 112 14.54 13.83 24.45
C PRO C 112 13.70 14.64 25.44
N SER C 113 13.03 15.70 24.97
CA SER C 113 11.87 16.25 25.66
C SER C 113 10.64 15.49 25.19
N VAL C 114 9.94 14.82 26.10
CA VAL C 114 8.84 13.95 25.69
C VAL C 114 7.47 14.59 25.91
N PHE C 115 6.63 14.53 24.89
CA PHE C 115 5.29 15.07 24.95
C PHE C 115 4.25 14.04 24.54
N ILE C 116 3.05 14.17 25.10
CA ILE C 116 1.97 13.30 24.63
C ILE C 116 0.70 14.08 24.28
N PHE C 117 0.01 13.63 23.23
CA PHE C 117 -1.19 14.30 22.76
C PHE C 117 -2.36 13.33 22.66
N PRO C 118 -3.41 13.55 23.45
CA PRO C 118 -4.59 12.69 23.26
C PRO C 118 -5.25 12.91 21.90
N PRO C 119 -6.20 12.04 21.53
CA PRO C 119 -6.90 12.28 20.28
C PRO C 119 -7.82 13.50 20.37
N SER C 120 -8.04 14.15 19.24
CA SER C 120 -8.94 15.30 19.18
C SER C 120 -10.38 14.80 19.16
N ASP C 121 -11.30 15.62 19.66
CA ASP C 121 -12.71 15.23 19.66
C ASP C 121 -13.18 15.03 18.22
N GLU C 122 -12.67 15.87 17.33
CA GLU C 122 -12.96 15.76 15.90
C GLU C 122 -12.77 14.33 15.41
N GLN C 123 -11.63 13.74 15.75
CA GLN C 123 -11.32 12.39 15.29
C GLN C 123 -12.16 11.35 15.99
N LEU C 124 -12.35 11.53 17.29
CA LEU C 124 -13.19 10.61 18.06
C LEU C 124 -14.59 10.51 17.45
N LYS C 125 -15.17 11.65 17.10
CA LYS C 125 -16.47 11.67 16.42
C LYS C 125 -16.46 10.67 15.27
N SER C 126 -15.42 10.73 14.44
CA SER C 126 -15.32 9.95 13.21
C SER C 126 -15.08 8.45 13.48
N GLY C 127 -14.82 8.11 14.73
CA GLY C 127 -14.77 6.72 15.14
C GLY C 127 -13.40 6.14 15.37
N THR C 128 -12.36 6.98 15.36
CA THR C 128 -11.00 6.49 15.56
C THR C 128 -10.24 7.39 16.54
N ALA C 129 -9.23 6.82 17.19
CA ALA C 129 -8.39 7.56 18.14
C ALA C 129 -6.90 7.34 17.88
N SER C 130 -6.20 8.39 17.49
CA SER C 130 -4.74 8.33 17.44
C SER C 130 -4.14 9.10 18.63
N VAL C 131 -3.22 8.44 19.34
CA VAL C 131 -2.52 9.06 20.46
C VAL C 131 -1.09 9.26 20.01
N VAL C 132 -0.61 10.48 20.12
CA VAL C 132 0.71 10.81 19.59
C VAL C 132 1.71 11.11 20.71
N CYS C 133 2.86 10.45 20.64
CA CYS C 133 3.97 10.68 21.57
C CYS C 133 5.12 11.30 20.79
N LEU C 134 5.60 12.44 21.25
CA LEU C 134 6.67 13.15 20.58
C LEU C 134 7.94 13.19 21.42
N LEU C 135 9.03 12.67 20.86
CA LEU C 135 10.36 12.84 21.43
C LEU C 135 11.04 13.96 20.67
N ASN C 136 11.40 15.03 21.36
CA ASN C 136 11.89 16.22 20.67
C ASN C 136 13.36 16.50 20.92
N ASN C 137 14.08 16.72 19.84
CA ASN C 137 15.46 17.21 19.87
C ASN C 137 16.40 16.39 20.73
N PHE C 138 16.63 15.13 20.34
CA PHE C 138 17.56 14.23 21.03
C PHE C 138 18.72 13.76 20.16
N TYR C 139 19.73 13.18 20.81
CA TYR C 139 20.86 12.57 20.12
C TYR C 139 21.55 11.58 21.06
N PRO C 140 21.97 10.41 20.55
CA PRO C 140 21.91 9.99 19.14
C PRO C 140 20.53 9.52 18.69
N ARG C 141 20.47 9.04 17.46
CA ARG C 141 19.20 8.72 16.83
C ARG C 141 18.46 7.56 17.51
N GLU C 142 19.20 6.64 18.12
CA GLU C 142 18.61 5.42 18.69
C GLU C 142 17.73 5.71 19.91
N ALA C 143 16.51 5.19 19.89
CA ALA C 143 15.55 5.38 20.98
C ALA C 143 14.51 4.27 20.95
N LYS C 144 13.99 3.92 22.12
CA LYS C 144 12.95 2.91 22.20
C LYS C 144 11.70 3.53 22.83
N VAL C 145 10.56 3.31 22.21
CA VAL C 145 9.30 3.84 22.72
C VAL C 145 8.28 2.71 22.83
N GLN C 146 7.71 2.53 24.02
CA GLN C 146 6.69 1.52 24.23
C GLN C 146 5.39 2.15 24.73
N TRP C 147 4.25 1.66 24.27
CA TRP C 147 2.99 2.18 24.73
C TRP C 147 2.39 1.25 25.78
N LYS C 148 1.77 1.86 26.80
CA LYS C 148 1.03 1.10 27.79
C LYS C 148 -0.34 1.73 28.00
N VAL C 149 -1.37 0.89 27.92
CA VAL C 149 -2.74 1.31 28.16
C VAL C 149 -3.22 0.60 29.42
N ASP C 150 -3.47 1.37 30.47
CA ASP C 150 -3.76 0.82 31.78
C ASP C 150 -2.74 -0.25 32.13
N ASN C 151 -1.47 0.10 31.98
CA ASN C 151 -0.35 -0.76 32.38
C ASN C 151 -0.16 -2.02 31.53
N ALA C 152 -0.82 -2.08 30.38
CA ALA C 152 -0.65 -3.22 29.48
C ALA C 152 0.19 -2.81 28.28
N LEU C 153 1.27 -3.53 28.01
CA LEU C 153 2.13 -3.23 26.89
C LEU C 153 1.39 -3.42 25.55
N GLN C 154 1.48 -2.43 24.66
CA GLN C 154 0.84 -2.50 23.36
C GLN C 154 1.79 -3.06 22.32
N SER C 155 1.24 -3.79 21.36
CA SER C 155 2.02 -4.33 20.25
C SER C 155 1.20 -4.34 18.96
N GLY C 156 1.83 -3.92 17.87
CA GLY C 156 1.23 -4.03 16.55
C GLY C 156 0.23 -2.95 16.19
N ASN C 157 0.02 -1.98 17.08
CA ASN C 157 -0.95 -0.92 16.84
C ASN C 157 -0.34 0.49 16.90
N SER C 158 1.00 0.55 16.85
CA SER C 158 1.67 1.84 16.79
C SER C 158 2.66 1.88 15.62
N GLN C 159 2.96 3.09 15.17
CA GLN C 159 3.99 3.31 14.14
C GLN C 159 4.87 4.49 14.51
N GLU C 160 6.14 4.41 14.18
CA GLU C 160 7.11 5.47 14.45
C GLU C 160 7.60 6.19 13.19
N SER C 161 7.91 7.48 13.32
CA SER C 161 8.61 8.21 12.27
C SER C 161 9.72 9.03 12.91
N VAL C 162 10.85 9.14 12.23
CA VAL C 162 11.97 9.91 12.76
C VAL C 162 12.38 10.97 11.74
N THR C 163 12.68 12.17 12.20
CA THR C 163 13.07 13.23 11.27
C THR C 163 14.50 13.02 10.83
N GLU C 164 14.85 13.55 9.67
CA GLU C 164 16.24 13.64 9.29
C GLU C 164 16.93 14.52 10.33
N GLN C 165 18.24 14.40 10.43
CA GLN C 165 18.99 15.17 11.42
C GLN C 165 18.85 16.66 11.19
N ASP C 166 18.74 17.41 12.28
CA ASP C 166 18.53 18.85 12.19
C ASP C 166 19.77 19.53 11.63
N SER C 167 19.60 20.34 10.58
CA SER C 167 20.73 21.00 9.94
C SER C 167 21.42 22.04 10.82
N LYS C 168 20.77 22.47 11.89
CA LYS C 168 21.36 23.49 12.76
C LYS C 168 21.93 22.95 14.07
N ASP C 169 21.16 22.14 14.79
CA ASP C 169 21.59 21.63 16.09
C ASP C 169 21.88 20.13 16.10
N SER C 170 21.73 19.48 14.95
CA SER C 170 22.15 18.09 14.79
C SER C 170 21.34 17.08 15.63
N THR C 171 20.17 17.48 16.11
CA THR C 171 19.31 16.58 16.87
C THR C 171 18.29 15.89 15.97
N TYR C 172 17.60 14.91 16.54
CA TYR C 172 16.53 14.19 15.87
C TYR C 172 15.26 14.38 16.66
N SER C 173 14.13 14.24 16.00
CA SER C 173 12.88 14.09 16.72
C SER C 173 12.19 12.84 16.19
N LEU C 174 11.28 12.29 16.99
CA LEU C 174 10.64 11.04 16.67
C LEU C 174 9.19 11.08 17.14
N SER C 175 8.27 10.61 16.30
CA SER C 175 6.89 10.45 16.76
C SER C 175 6.57 8.97 16.84
N SER C 176 5.71 8.61 17.76
CA SER C 176 5.15 7.29 17.81
C SER C 176 3.67 7.49 17.98
N THR C 177 2.88 6.92 17.07
CA THR C 177 1.44 7.12 17.03
C THR C 177 0.72 5.81 17.27
N LEU C 178 -0.07 5.76 18.33
CA LEU C 178 -0.89 4.62 18.67
C LEU C 178 -2.28 4.83 18.11
N THR C 179 -2.77 3.88 17.32
CA THR C 179 -4.10 3.99 16.73
C THR C 179 -5.04 2.90 17.20
N LEU C 180 -6.21 3.32 17.69
CA LEU C 180 -7.21 2.43 18.25
C LEU C 180 -8.56 2.87 17.74
N SER C 181 -9.50 1.94 17.62
CA SER C 181 -10.88 2.28 17.31
C SER C 181 -11.40 3.12 18.48
N LYS C 182 -12.39 3.95 18.23
CA LYS C 182 -12.96 4.80 19.27
C LYS C 182 -13.48 3.93 20.42
N ALA C 183 -14.09 2.81 20.10
CA ALA C 183 -14.66 1.95 21.13
C ALA C 183 -13.57 1.46 22.08
N ASP C 184 -12.47 0.97 21.52
CA ASP C 184 -11.34 0.49 22.32
C ASP C 184 -10.74 1.59 23.17
N TYR C 185 -10.58 2.78 22.60
CA TYR C 185 -10.02 3.92 23.33
C TYR C 185 -10.85 4.27 24.56
N GLU C 186 -12.17 4.28 24.42
CA GLU C 186 -13.03 4.65 25.53
C GLU C 186 -13.20 3.49 26.53
N LYS C 187 -12.61 2.35 26.21
CA LYS C 187 -12.59 1.20 27.11
C LYS C 187 -11.58 1.39 28.25
N HIS C 188 -10.52 2.16 28.00
CA HIS C 188 -9.41 2.27 28.94
C HIS C 188 -9.19 3.68 29.44
N LYS C 189 -8.44 3.79 30.53
CA LYS C 189 -8.31 5.03 31.28
C LYS C 189 -6.97 5.73 31.04
N VAL C 190 -5.88 5.02 31.30
CA VAL C 190 -4.56 5.64 31.32
C VAL C 190 -3.75 5.29 30.09
N TYR C 191 -3.28 6.32 29.39
CA TYR C 191 -2.45 6.14 28.20
C TYR C 191 -1.06 6.70 28.45
N ALA C 192 -0.05 5.85 28.27
CA ALA C 192 1.32 6.21 28.63
C ALA C 192 2.30 5.82 27.53
N CYS C 193 3.19 6.76 27.20
CA CYS C 193 4.32 6.53 26.31
C CYS C 193 5.56 6.39 27.18
N GLU C 194 6.37 5.37 26.93
CA GLU C 194 7.55 5.09 27.76
C GLU C 194 8.80 5.08 26.89
N VAL C 195 9.77 5.91 27.26
CA VAL C 195 10.90 6.22 26.39
C VAL C 195 12.23 5.84 27.04
N THR C 196 13.03 5.08 26.31
CA THR C 196 14.37 4.75 26.76
C THR C 196 15.36 5.36 25.80
N HIS C 197 16.37 6.03 26.35
CA HIS C 197 17.38 6.70 25.53
C HIS C 197 18.66 6.83 26.34
N GLN C 198 19.80 6.88 25.64
CA GLN C 198 21.10 6.91 26.29
C GLN C 198 21.28 8.17 27.14
N GLY C 199 20.50 9.20 26.85
CA GLY C 199 20.59 10.46 27.54
C GLY C 199 19.75 10.49 28.82
N LEU C 200 18.98 9.42 29.04
CA LEU C 200 18.14 9.28 30.23
C LEU C 200 18.72 8.23 31.16
N SER C 201 18.88 8.59 32.44
CA SER C 201 19.42 7.66 33.43
C SER C 201 18.49 6.46 33.61
N SER C 202 17.19 6.72 33.64
CA SER C 202 16.18 5.68 33.63
C SER C 202 15.08 6.07 32.64
N PRO C 203 14.26 5.10 32.21
CA PRO C 203 13.22 5.38 31.22
C PRO C 203 12.25 6.46 31.70
N VAL C 204 11.71 7.24 30.77
CA VAL C 204 10.77 8.29 31.10
C VAL C 204 9.38 7.96 30.60
N THR C 205 8.37 8.20 31.44
CA THR C 205 6.99 7.95 31.07
C THR C 205 6.19 9.26 31.02
N LYS C 206 5.45 9.46 29.93
CA LYS C 206 4.48 10.55 29.84
C LYS C 206 3.10 9.92 29.64
N SER C 207 2.11 10.39 30.40
CA SER C 207 0.79 9.77 30.32
C SER C 207 -0.33 10.77 30.56
N PHE C 208 -1.56 10.35 30.24
CA PHE C 208 -2.75 11.12 30.58
C PHE C 208 -3.92 10.18 30.89
N ASN C 209 -4.91 10.68 31.63
CA ASN C 209 -6.14 9.93 31.89
C ASN C 209 -7.25 10.40 30.98
N ARG C 210 -7.88 9.45 30.27
CA ARG C 210 -8.85 9.75 29.23
C ARG C 210 -9.95 10.66 29.76
N GLN D 1 20.10 32.89 -12.30
CA GLN D 1 18.87 33.39 -12.97
C GLN D 1 18.27 32.31 -13.89
N VAL D 2 18.67 31.06 -13.67
CA VAL D 2 18.06 29.92 -14.37
C VAL D 2 17.19 29.15 -13.39
N THR D 3 16.00 28.78 -13.83
CA THR D 3 15.12 27.94 -13.03
C THR D 3 14.49 26.89 -13.92
N LEU D 4 14.22 25.73 -13.35
CA LEU D 4 13.45 24.71 -14.03
C LEU D 4 12.33 24.24 -13.11
N ARG D 5 11.21 23.82 -13.68
CA ARG D 5 10.11 23.30 -12.88
C ARG D 5 9.48 22.11 -13.57
N GLU D 6 9.39 21.00 -12.87
CA GLU D 6 8.83 19.75 -13.40
C GLU D 6 7.34 19.70 -13.08
N SER D 7 6.54 19.18 -14.01
CA SER D 7 5.13 19.02 -13.74
C SER D 7 4.62 17.71 -14.34
N GLY D 8 3.59 17.14 -13.73
CA GLY D 8 3.01 15.91 -14.20
C GLY D 8 2.07 15.37 -13.14
N PRO D 9 1.38 14.26 -13.47
CA PRO D 9 0.46 13.66 -12.50
C PRO D 9 1.21 13.07 -11.31
N ALA D 10 0.63 13.18 -10.13
CA ALA D 10 1.19 12.54 -8.94
C ALA D 10 0.91 11.03 -8.96
N LEU D 11 -0.06 10.60 -9.75
CA LEU D 11 -0.51 9.20 -9.72
C LEU D 11 -0.81 8.66 -11.12
N VAL D 12 -0.24 7.52 -11.45
CA VAL D 12 -0.50 6.87 -12.73
C VAL D 12 -0.72 5.38 -12.52
N LYS D 13 -1.64 4.80 -13.29
CA LYS D 13 -1.92 3.38 -13.16
C LYS D 13 -0.90 2.52 -13.93
N PRO D 14 -0.62 1.31 -13.43
CA PRO D 14 0.27 0.38 -14.13
C PRO D 14 -0.12 0.24 -15.59
N THR D 15 0.88 0.21 -16.48
CA THR D 15 0.75 0.04 -17.95
C THR D 15 0.42 1.36 -18.67
N GLN D 16 0.02 2.38 -17.91
CA GLN D 16 -0.28 3.69 -18.50
C GLN D 16 1.01 4.42 -18.83
N THR D 17 0.91 5.42 -19.69
CA THR D 17 2.05 6.28 -20.03
C THR D 17 2.09 7.52 -19.13
N LEU D 18 3.27 7.83 -18.61
CA LEU D 18 3.50 9.04 -17.84
C LEU D 18 4.02 10.15 -18.76
N THR D 19 3.39 11.31 -18.71
CA THR D 19 3.90 12.49 -19.41
C THR D 19 4.39 13.53 -18.39
N LEU D 20 5.69 13.82 -18.45
CA LEU D 20 6.30 14.81 -17.57
C LEU D 20 6.71 16.02 -18.41
N THR D 21 6.55 17.21 -17.85
CA THR D 21 6.94 18.44 -18.52
C THR D 21 7.97 19.19 -17.70
N CYS D 22 8.97 19.72 -18.37
CA CYS D 22 9.96 20.58 -17.74
C CYS D 22 9.80 21.94 -18.35
N THR D 23 9.51 22.93 -17.51
CA THR D 23 9.39 24.32 -17.94
C THR D 23 10.58 25.11 -17.38
N PHE D 24 11.31 25.81 -18.23
CA PHE D 24 12.54 26.45 -17.78
C PHE D 24 12.63 27.90 -18.22
N SER D 25 13.48 28.65 -17.52
CA SER D 25 13.71 30.06 -17.79
C SER D 25 15.19 30.36 -17.58
N GLY D 26 15.68 31.44 -18.19
CA GLY D 26 17.07 31.83 -17.99
C GLY D 26 18.01 31.27 -19.03
N PHE D 27 17.52 30.34 -19.83
CA PHE D 27 18.23 29.89 -21.01
C PHE D 27 17.24 29.43 -22.06
N SER D 28 17.74 29.23 -23.28
CA SER D 28 16.92 28.71 -24.36
C SER D 28 17.56 27.45 -24.95
N LEU D 29 16.72 26.48 -25.32
CA LEU D 29 17.19 25.30 -26.03
C LEU D 29 17.40 25.59 -27.52
N SER D 30 17.23 26.83 -27.93
CA SER D 30 17.64 27.20 -29.27
C SER D 30 19.08 27.70 -29.24
N THR D 31 19.63 27.87 -28.05
CA THR D 31 21.00 28.39 -27.87
C THR D 31 22.04 27.29 -28.02
N ALA D 32 23.02 27.54 -28.87
CA ALA D 32 24.09 26.59 -29.16
C ALA D 32 24.72 26.04 -27.87
N GLY D 33 24.75 24.72 -27.75
CA GLY D 33 25.40 24.09 -26.59
C GLY D 33 24.44 23.65 -25.50
N MET D 34 23.22 24.16 -25.49
CA MET D 34 22.31 23.90 -24.38
C MET D 34 21.66 22.52 -24.42
N SER D 35 21.29 22.04 -23.25
CA SER D 35 20.65 20.74 -23.11
C SER D 35 19.80 20.69 -21.86
N VAL D 36 18.77 19.84 -21.89
CA VAL D 36 18.01 19.50 -20.69
C VAL D 36 18.04 18.00 -20.48
N GLY D 37 18.26 17.55 -19.25
CA GLY D 37 18.24 16.12 -18.98
C GLY D 37 17.22 15.81 -17.91
N TRP D 38 16.84 14.53 -17.82
CA TRP D 38 15.96 14.06 -16.75
C TRP D 38 16.66 13.02 -15.90
N ILE D 39 16.34 13.02 -14.61
CA ILE D 39 16.98 12.17 -13.63
C ILE D 39 15.86 11.77 -12.66
N ARG D 40 15.86 10.56 -12.12
CA ARG D 40 14.85 10.22 -11.12
C ARG D 40 15.49 9.59 -9.91
N GLN D 41 14.73 9.50 -8.83
CA GLN D 41 15.24 8.97 -7.59
C GLN D 41 14.12 8.26 -6.86
N PRO D 42 14.12 6.92 -6.90
CA PRO D 42 13.11 6.14 -6.19
C PRO D 42 13.32 6.30 -4.69
N PRO D 43 12.29 6.02 -3.90
CA PRO D 43 12.39 6.21 -2.46
C PRO D 43 13.61 5.51 -1.87
N GLY D 44 14.42 6.26 -1.13
CA GLY D 44 15.56 5.72 -0.43
C GLY D 44 16.68 5.20 -1.32
N LYS D 45 16.62 5.50 -2.60
CA LYS D 45 17.61 4.97 -3.52
C LYS D 45 18.41 6.10 -4.16
N ALA D 46 19.35 5.73 -5.01
CA ALA D 46 20.27 6.69 -5.58
C ALA D 46 19.65 7.34 -6.80
N LEU D 47 20.28 8.40 -7.27
CA LEU D 47 19.86 9.10 -8.48
C LEU D 47 20.17 8.25 -9.71
N GLU D 48 19.27 8.29 -10.69
CA GLU D 48 19.41 7.51 -11.93
C GLU D 48 19.13 8.44 -13.12
N TRP D 49 20.12 8.61 -14.00
CA TRP D 49 19.91 9.44 -15.18
C TRP D 49 19.00 8.71 -16.17
N LEU D 50 18.07 9.44 -16.79
CA LEU D 50 17.08 8.85 -17.71
C LEU D 50 17.32 9.19 -19.18
N ALA D 51 17.42 10.48 -19.49
CA ALA D 51 17.47 10.94 -20.89
C ALA D 51 18.00 12.35 -20.98
N ASP D 52 18.44 12.75 -22.15
CA ASP D 52 18.68 14.17 -22.38
C ASP D 52 18.35 14.57 -23.79
N ILE D 53 18.32 15.87 -24.03
CA ILE D 53 18.03 16.39 -25.34
C ILE D 53 18.83 17.65 -25.52
N TRP D 54 19.29 17.88 -26.74
CA TRP D 54 20.20 19.00 -27.04
C TRP D 54 19.51 20.04 -27.93
N TRP D 55 20.11 21.22 -28.00
CA TRP D 55 19.57 22.31 -28.79
C TRP D 55 19.43 21.92 -30.27
N ASP D 56 20.22 20.94 -30.69
CA ASP D 56 20.20 20.49 -32.08
C ASP D 56 19.32 19.25 -32.27
N ASP D 57 18.52 18.97 -31.24
CA ASP D 57 17.54 17.89 -31.23
C ASP D 57 18.17 16.51 -31.10
N LYS D 58 19.47 16.44 -30.81
CA LYS D 58 20.06 15.14 -30.51
C LYS D 58 19.50 14.66 -29.17
N LYS D 59 19.29 13.35 -29.04
CA LYS D 59 18.70 12.77 -27.83
C LYS D 59 19.50 11.58 -27.34
N HIS D 60 19.57 11.39 -26.02
CA HIS D 60 20.13 10.15 -25.48
C HIS D 60 19.23 9.57 -24.41
N TYR D 61 19.28 8.24 -24.26
CA TYR D 61 18.43 7.51 -23.33
C TYR D 61 19.24 6.50 -22.53
N ASN D 62 18.87 6.32 -21.27
CA ASN D 62 19.50 5.27 -20.48
C ASN D 62 19.04 3.93 -21.08
N PRO D 63 19.98 3.04 -21.42
CA PRO D 63 19.64 1.73 -21.99
C PRO D 63 18.69 0.94 -21.10
N SER D 64 18.79 1.08 -19.78
CA SER D 64 17.88 0.39 -18.87
C SER D 64 16.43 0.65 -19.24
N LEU D 65 16.17 1.82 -19.83
CA LEU D 65 14.81 2.27 -20.08
C LEU D 65 14.61 2.77 -21.51
N LYS D 66 15.60 2.54 -22.36
CA LYS D 66 15.59 3.10 -23.69
C LYS D 66 14.28 2.81 -24.43
N ASP D 67 13.77 1.59 -24.26
CA ASP D 67 12.56 1.17 -24.96
C ASP D 67 11.35 1.99 -24.54
N ARG D 68 11.36 2.56 -23.34
CA ARG D 68 10.16 3.17 -22.78
C ARG D 68 10.17 4.71 -22.77
N LEU D 69 11.29 5.33 -23.14
CA LEU D 69 11.45 6.78 -23.02
C LEU D 69 11.38 7.48 -24.35
N THR D 70 10.68 8.60 -24.38
CA THR D 70 10.72 9.54 -25.49
C THR D 70 10.86 10.96 -24.94
N ILE D 71 11.91 11.66 -25.37
CA ILE D 71 12.09 13.04 -24.95
C ILE D 71 11.92 13.94 -26.17
N SER D 72 11.37 15.12 -25.96
CA SER D 72 11.12 16.05 -27.05
C SER D 72 11.16 17.46 -26.51
N LYS D 73 11.36 18.42 -27.40
CA LYS D 73 11.44 19.81 -26.99
C LYS D 73 10.49 20.65 -27.84
N ASP D 74 10.01 21.73 -27.24
CA ASP D 74 9.23 22.73 -27.92
C ASP D 74 9.84 24.08 -27.52
N THR D 75 10.74 24.60 -28.35
CA THR D 75 11.44 25.84 -28.03
C THR D 75 10.48 27.04 -28.00
N SER D 76 9.35 26.88 -28.67
CA SER D 76 8.35 27.94 -28.74
C SER D 76 7.81 28.26 -27.35
N LYS D 77 7.97 27.32 -26.42
CA LYS D 77 7.38 27.44 -25.10
C LYS D 77 8.39 27.32 -23.96
N ASN D 78 9.65 27.08 -24.31
CA ASN D 78 10.68 26.77 -23.32
C ASN D 78 10.24 25.57 -22.46
N GLN D 79 9.88 24.46 -23.09
CA GLN D 79 9.62 23.25 -22.32
C GLN D 79 10.13 22.00 -23.02
N VAL D 80 10.41 21.01 -22.20
CA VAL D 80 10.86 19.72 -22.65
C VAL D 80 9.90 18.70 -22.05
N VAL D 81 9.51 17.71 -22.85
CA VAL D 81 8.58 16.68 -22.42
C VAL D 81 9.27 15.33 -22.35
N LEU D 82 9.05 14.60 -21.28
CA LEU D 82 9.53 13.24 -21.18
C LEU D 82 8.32 12.34 -21.08
N LYS D 83 8.23 11.37 -21.97
CA LYS D 83 7.16 10.37 -21.88
C LYS D 83 7.73 9.02 -21.51
N VAL D 84 7.10 8.36 -20.55
CA VAL D 84 7.53 7.05 -20.10
C VAL D 84 6.36 6.10 -20.27
N THR D 85 6.50 5.11 -21.15
CA THR D 85 5.41 4.17 -21.41
C THR D 85 5.44 3.01 -20.42
N ASN D 86 4.35 2.25 -20.41
CA ASN D 86 4.21 1.02 -19.61
C ASN D 86 4.69 1.15 -18.15
N MET D 87 4.14 2.13 -17.44
CA MET D 87 4.56 2.41 -16.07
C MET D 87 4.36 1.23 -15.12
N ASP D 88 5.33 1.02 -14.24
CA ASP D 88 5.34 -0.08 -13.30
C ASP D 88 5.55 0.55 -11.92
N PRO D 89 5.15 -0.14 -10.84
CA PRO D 89 5.40 0.41 -9.51
C PRO D 89 6.89 0.68 -9.24
N ALA D 90 7.76 -0.02 -9.96
CA ALA D 90 9.19 0.20 -9.86
C ALA D 90 9.57 1.59 -10.36
N ASP D 91 8.67 2.24 -11.10
CA ASP D 91 8.93 3.58 -11.62
C ASP D 91 8.50 4.66 -10.64
N THR D 92 7.95 4.26 -9.50
CA THR D 92 7.62 5.23 -8.46
C THR D 92 8.88 5.97 -8.00
N ALA D 93 8.86 7.29 -8.09
CA ALA D 93 10.07 8.06 -7.84
C ALA D 93 9.78 9.55 -7.89
N THR D 94 10.77 10.34 -7.46
CA THR D 94 10.77 11.76 -7.73
C THR D 94 11.56 11.99 -9.00
N TYR D 95 10.98 12.76 -9.92
CA TYR D 95 11.58 13.02 -11.23
C TYR D 95 12.06 14.47 -11.30
N TYR D 96 13.31 14.66 -11.72
CA TYR D 96 13.92 15.98 -11.84
C TYR D 96 14.34 16.31 -13.26
N CYS D 97 14.21 17.56 -13.68
CA CYS D 97 14.87 18.01 -14.90
C CYS D 97 16.01 18.96 -14.51
N ALA D 98 17.03 19.06 -15.36
CA ALA D 98 18.23 19.85 -15.02
C ALA D 98 18.87 20.32 -16.30
N ARG D 99 19.65 21.38 -16.23
CA ARG D 99 20.29 21.94 -17.39
C ARG D 99 21.71 21.39 -17.54
N ASP D 100 22.13 21.14 -18.78
CA ASP D 100 23.48 20.71 -19.08
C ASP D 100 23.95 21.58 -20.26
N MET D 101 25.25 21.68 -20.48
CA MET D 101 25.77 22.30 -21.70
C MET D 101 26.87 21.46 -22.26
N ILE D 102 27.13 21.58 -23.56
CA ILE D 102 28.14 20.76 -24.18
C ILE D 102 29.54 21.17 -23.68
N PHE D 103 29.66 22.38 -23.12
CA PHE D 103 30.95 22.82 -22.59
C PHE D 103 31.20 22.21 -21.21
N ASN D 104 30.20 21.52 -20.68
CA ASN D 104 30.22 21.12 -19.25
C ASN D 104 30.13 19.61 -19.03
N PHE D 105 29.03 19.03 -19.51
CA PHE D 105 28.67 17.63 -19.21
C PHE D 105 28.56 17.37 -17.71
N TYR D 106 27.85 18.28 -17.07
CA TYR D 106 27.37 18.09 -15.72
C TYR D 106 26.13 18.95 -15.57
N PHE D 107 25.21 18.51 -14.72
CA PHE D 107 23.96 19.22 -14.50
C PHE D 107 24.20 20.28 -13.46
N ASP D 108 24.19 21.53 -13.89
CA ASP D 108 24.54 22.64 -12.99
C ASP D 108 23.33 23.26 -12.30
N VAL D 109 22.15 23.19 -12.92
CA VAL D 109 20.95 23.71 -12.26
C VAL D 109 19.80 22.70 -12.39
N TRP D 110 19.11 22.46 -11.27
CA TRP D 110 18.05 21.44 -11.22
C TRP D 110 16.71 22.04 -10.87
N GLY D 111 15.62 21.38 -11.29
CA GLY D 111 14.30 21.72 -10.81
C GLY D 111 14.12 21.17 -9.40
N GLN D 112 12.98 21.46 -8.79
CA GLN D 112 12.73 21.01 -7.42
C GLN D 112 12.27 19.55 -7.37
N GLY D 113 11.88 19.00 -8.51
CA GLY D 113 11.46 17.60 -8.58
C GLY D 113 9.96 17.45 -8.48
N THR D 114 9.41 16.43 -9.12
CA THR D 114 7.99 16.13 -8.97
C THR D 114 7.81 14.65 -8.67
N THR D 115 6.90 14.34 -7.76
CA THR D 115 6.79 12.98 -7.26
C THR D 115 5.70 12.22 -8.01
N VAL D 116 6.05 11.04 -8.52
CA VAL D 116 5.11 10.20 -9.25
C VAL D 116 5.00 8.81 -8.60
N THR D 117 3.76 8.40 -8.33
CA THR D 117 3.50 7.09 -7.77
C THR D 117 2.72 6.26 -8.79
N VAL D 118 3.14 5.02 -9.01
CA VAL D 118 2.43 4.12 -9.94
C VAL D 118 1.66 3.10 -9.11
N SER D 119 0.35 3.12 -9.23
CA SER D 119 -0.48 2.26 -8.41
C SER D 119 -1.89 2.20 -8.96
N SER D 120 -2.57 1.11 -8.65
CA SER D 120 -3.96 0.94 -9.05
C SER D 120 -4.90 1.56 -8.03
N ALA D 121 -4.37 1.91 -6.86
CA ALA D 121 -5.20 2.50 -5.82
C ALA D 121 -5.56 3.91 -6.26
N SER D 122 -6.71 4.40 -5.81
CA SER D 122 -7.16 5.72 -6.25
C SER D 122 -6.74 6.77 -5.23
N THR D 123 -6.77 8.04 -5.64
CA THR D 123 -6.40 9.16 -4.78
C THR D 123 -7.32 9.28 -3.55
N LYS D 124 -6.74 9.51 -2.37
CA LYS D 124 -7.52 9.75 -1.16
C LYS D 124 -6.99 10.99 -0.45
N GLY D 125 -7.87 11.94 -0.15
CA GLY D 125 -7.47 13.14 0.55
C GLY D 125 -7.30 12.90 2.05
N PRO D 126 -6.53 13.76 2.71
CA PRO D 126 -6.21 13.56 4.13
C PRO D 126 -7.29 14.09 5.05
N SER D 127 -7.34 13.53 6.26
CA SER D 127 -7.99 14.21 7.37
C SER D 127 -6.91 15.04 8.05
N VAL D 128 -7.31 16.17 8.64
CA VAL D 128 -6.38 17.01 9.38
C VAL D 128 -6.95 17.29 10.76
N PHE D 129 -6.30 16.75 11.79
CA PHE D 129 -6.77 16.92 13.17
C PHE D 129 -5.76 17.74 13.97
N PRO D 130 -6.24 18.51 14.97
CA PRO D 130 -5.34 19.28 15.84
C PRO D 130 -4.53 18.41 16.82
N LEU D 131 -3.28 18.82 17.05
CA LEU D 131 -2.48 18.28 18.14
C LEU D 131 -2.32 19.42 19.14
N ALA D 132 -3.29 19.54 20.05
CA ALA D 132 -3.42 20.72 20.90
C ALA D 132 -2.24 20.93 21.86
N PRO D 133 -1.85 22.20 22.06
CA PRO D 133 -0.88 22.49 23.11
C PRO D 133 -1.51 22.32 24.48
N SER D 134 -0.73 21.92 25.47
CA SER D 134 -1.21 21.79 26.84
C SER D 134 -0.04 21.65 27.81
N SER D 135 -0.34 21.44 29.09
CA SER D 135 0.70 21.20 30.09
C SER D 135 1.50 19.94 29.74
N LYS D 136 0.84 19.01 29.05
CA LYS D 136 1.46 17.74 28.66
C LYS D 136 2.34 17.84 27.41
N SER D 137 2.43 19.03 26.82
CA SER D 137 3.29 19.24 25.66
C SER D 137 4.28 20.38 25.92
N THR D 138 4.51 20.70 27.19
CA THR D 138 5.35 21.83 27.56
C THR D 138 6.68 21.42 28.20
N SER D 139 7.77 21.91 27.63
CA SER D 139 9.10 21.86 28.25
C SER D 139 9.63 23.29 28.33
N GLY D 140 10.38 23.62 29.38
CA GLY D 140 10.77 25.01 29.59
C GLY D 140 9.51 25.82 29.89
N GLY D 141 9.36 27.02 29.33
CA GLY D 141 10.24 27.55 28.31
C GLY D 141 9.61 27.40 26.93
N THR D 142 8.72 26.42 26.76
CA THR D 142 8.25 26.03 25.43
C THR D 142 7.08 25.04 25.46
N ALA D 143 6.20 25.12 24.46
CA ALA D 143 5.12 24.16 24.29
C ALA D 143 5.20 23.57 22.89
N ALA D 144 4.53 22.45 22.68
CA ALA D 144 4.51 21.83 21.35
C ALA D 144 3.08 21.64 20.91
N LEU D 145 2.80 22.05 19.69
CA LEU D 145 1.51 21.83 19.08
C LEU D 145 1.75 21.34 17.67
N GLY D 146 0.70 20.92 16.99
CA GLY D 146 0.87 20.40 15.65
C GLY D 146 -0.44 19.99 15.01
N CYS D 147 -0.33 19.34 13.85
CA CYS D 147 -1.48 18.79 13.17
C CYS D 147 -1.15 17.38 12.73
N LEU D 148 -2.12 16.48 12.84
CA LEU D 148 -2.01 15.13 12.33
C LEU D 148 -2.68 15.08 10.96
N VAL D 149 -1.90 14.73 9.94
CA VAL D 149 -2.40 14.61 8.58
C VAL D 149 -2.52 13.14 8.25
N LYS D 150 -3.73 12.61 8.35
CA LYS D 150 -3.93 11.18 8.37
C LYS D 150 -4.69 10.66 7.14
N ASP D 151 -4.37 9.43 6.72
CA ASP D 151 -5.14 8.72 5.70
C ASP D 151 -5.19 9.40 4.32
N TYR D 152 -4.03 9.57 3.67
CA TYR D 152 -4.00 10.13 2.32
C TYR D 152 -3.19 9.27 1.33
N PHE D 153 -3.38 9.52 0.03
CA PHE D 153 -2.64 8.79 -0.99
C PHE D 153 -2.80 9.52 -2.32
N PRO D 154 -1.72 9.61 -3.13
CA PRO D 154 -0.35 9.17 -2.85
C PRO D 154 0.44 10.28 -2.14
N GLU D 155 1.74 10.12 -1.92
CA GLU D 155 2.59 11.26 -1.55
C GLU D 155 2.62 12.29 -2.69
N PRO D 156 2.94 13.56 -2.38
CA PRO D 156 3.33 14.06 -1.06
C PRO D 156 2.35 15.06 -0.49
N VAL D 157 2.47 15.33 0.80
CA VAL D 157 1.77 16.45 1.40
C VAL D 157 2.82 17.44 1.86
N THR D 158 2.48 18.72 1.79
CA THR D 158 3.33 19.76 2.35
C THR D 158 2.57 20.44 3.46
N VAL D 159 3.31 20.89 4.48
CA VAL D 159 2.72 21.58 5.60
C VAL D 159 3.56 22.81 5.91
N SER D 160 2.92 23.98 5.98
CA SER D 160 3.57 25.18 6.48
C SER D 160 2.78 25.68 7.68
N TRP D 161 3.32 26.66 8.39
CA TRP D 161 2.63 27.26 9.53
C TRP D 161 2.52 28.76 9.36
N ASN D 162 1.34 29.30 9.63
CA ASN D 162 1.12 30.75 9.55
C ASN D 162 1.55 31.27 8.18
N SER D 163 1.31 30.46 7.16
CA SER D 163 1.59 30.79 5.78
C SER D 163 3.08 30.99 5.48
N GLY D 164 3.93 30.27 6.21
CA GLY D 164 5.37 30.39 6.05
C GLY D 164 5.97 31.39 7.01
N ALA D 165 5.12 32.14 7.71
CA ALA D 165 5.57 33.14 8.68
C ALA D 165 6.25 32.48 9.88
N LEU D 166 5.80 31.27 10.21
CA LEU D 166 6.41 30.49 11.27
C LEU D 166 7.25 29.38 10.64
N THR D 167 8.55 29.38 10.92
CA THR D 167 9.49 28.51 10.22
C THR D 167 10.39 27.73 11.18
N SER D 168 11.00 28.42 12.14
CA SER D 168 11.87 27.75 13.09
C SER D 168 11.05 26.98 14.12
N GLY D 169 11.60 25.85 14.58
CA GLY D 169 10.94 25.03 15.56
C GLY D 169 9.96 24.03 14.96
N VAL D 170 9.74 24.11 13.65
CA VAL D 170 8.79 23.22 12.99
C VAL D 170 9.47 21.91 12.59
N HIS D 171 8.82 20.79 12.89
CA HIS D 171 9.26 19.47 12.45
C HIS D 171 8.13 18.74 11.76
N THR D 172 8.25 18.55 10.44
CA THR D 172 7.26 17.78 9.70
C THR D 172 7.84 16.40 9.47
N PHE D 173 7.25 15.39 10.12
CA PHE D 173 7.75 14.03 10.05
C PHE D 173 7.53 13.35 8.70
N PRO D 174 8.46 12.47 8.31
CA PRO D 174 8.25 11.64 7.12
C PRO D 174 6.97 10.83 7.25
N ALA D 175 6.23 10.64 6.16
CA ALA D 175 4.98 9.89 6.25
C ALA D 175 5.31 8.43 6.53
N VAL D 176 4.40 7.76 7.23
CA VAL D 176 4.46 6.32 7.41
C VAL D 176 3.31 5.70 6.64
N LEU D 177 3.50 4.49 6.13
CA LEU D 177 2.44 3.78 5.44
C LEU D 177 1.66 2.92 6.42
N GLN D 178 0.40 3.26 6.64
CA GLN D 178 -0.41 2.53 7.61
C GLN D 178 -0.78 1.17 7.02
N SER D 179 -1.43 0.33 7.82
CA SER D 179 -1.81 -1.00 7.37
C SER D 179 -2.89 -0.91 6.30
N SER D 180 -3.66 0.18 6.35
CA SER D 180 -4.71 0.44 5.36
C SER D 180 -4.15 0.64 3.96
N GLY D 181 -2.87 0.93 3.87
CA GLY D 181 -2.26 1.29 2.61
C GLY D 181 -2.31 2.78 2.35
N LEU D 182 -2.80 3.54 3.33
CA LEU D 182 -2.82 5.00 3.25
C LEU D 182 -1.71 5.61 4.11
N TYR D 183 -1.24 6.79 3.73
CA TYR D 183 -0.16 7.45 4.46
C TYR D 183 -0.69 8.30 5.60
N SER D 184 0.22 8.65 6.50
CA SER D 184 -0.10 9.54 7.59
C SER D 184 1.18 10.19 8.07
N LEU D 185 1.10 11.47 8.40
CA LEU D 185 2.24 12.13 9.02
C LEU D 185 1.76 13.18 10.01
N SER D 186 2.71 13.73 10.76
CA SER D 186 2.40 14.78 11.72
C SER D 186 3.36 15.94 11.52
N SER D 187 2.89 17.16 11.75
CA SER D 187 3.75 18.31 11.73
C SER D 187 3.59 19.01 13.06
N VAL D 188 4.69 19.24 13.76
CA VAL D 188 4.62 19.83 15.10
C VAL D 188 5.59 21.00 15.19
N VAL D 189 5.29 21.95 16.05
CA VAL D 189 6.15 23.12 16.21
C VAL D 189 6.22 23.49 17.69
N THR D 190 7.42 23.86 18.13
CA THR D 190 7.61 24.30 19.51
C THR D 190 7.62 25.82 19.58
N VAL D 191 6.80 26.37 20.48
CA VAL D 191 6.65 27.82 20.62
C VAL D 191 6.78 28.22 22.08
N PRO D 192 7.15 29.49 22.34
CA PRO D 192 7.15 30.01 23.71
C PRO D 192 5.80 29.78 24.39
N SER D 193 5.81 29.15 25.56
CA SER D 193 4.57 28.81 26.25
C SER D 193 3.72 30.05 26.49
N SER D 194 4.37 31.18 26.71
CA SER D 194 3.67 32.42 27.02
C SER D 194 2.84 32.91 25.84
N SER D 195 3.36 32.73 24.63
CA SER D 195 2.69 33.22 23.43
C SER D 195 1.42 32.45 23.11
N LEU D 196 1.15 31.38 23.86
CA LEU D 196 -0.07 30.60 23.65
C LEU D 196 -1.31 31.46 23.93
N GLY D 197 -2.43 31.09 23.32
CA GLY D 197 -3.69 31.75 23.57
C GLY D 197 -3.77 33.20 23.15
N THR D 198 -2.66 33.75 22.65
CA THR D 198 -2.60 35.13 22.21
C THR D 198 -2.11 35.18 20.76
N GLN D 199 -1.06 34.42 20.49
CA GLN D 199 -0.55 34.24 19.14
C GLN D 199 -1.26 33.04 18.51
N THR D 200 -1.96 33.27 17.41
CA THR D 200 -2.71 32.21 16.75
C THR D 200 -1.81 31.34 15.88
N TYR D 201 -2.00 30.03 15.94
CA TYR D 201 -1.21 29.11 15.12
C TYR D 201 -2.08 28.26 14.20
N ILE D 202 -1.78 28.31 12.92
CA ILE D 202 -2.58 27.63 11.91
C ILE D 202 -1.66 26.80 11.04
N CYS D 203 -2.01 25.54 10.88
CA CYS D 203 -1.25 24.67 9.97
C CYS D 203 -1.89 24.69 8.60
N ASN D 204 -1.09 25.00 7.58
CA ASN D 204 -1.56 24.99 6.21
C ASN D 204 -1.13 23.69 5.53
N VAL D 205 -2.12 22.86 5.18
CA VAL D 205 -1.85 21.53 4.64
C VAL D 205 -2.22 21.49 3.18
N ASN D 206 -1.27 21.13 2.33
CA ASN D 206 -1.56 20.96 0.91
C ASN D 206 -1.33 19.52 0.49
N HIS D 207 -2.34 18.91 -0.09
CA HIS D 207 -2.18 17.60 -0.73
C HIS D 207 -2.56 17.79 -2.18
N LYS D 208 -1.60 18.28 -2.97
CA LYS D 208 -1.86 18.56 -4.37
C LYS D 208 -2.47 17.37 -5.13
N PRO D 209 -2.03 16.14 -4.83
CA PRO D 209 -2.65 15.01 -5.54
C PRO D 209 -4.18 14.97 -5.49
N SER D 210 -4.79 15.36 -4.38
CA SER D 210 -6.26 15.39 -4.30
C SER D 210 -6.78 16.83 -4.38
N ASN D 211 -5.89 17.75 -4.74
CA ASN D 211 -6.17 19.18 -4.72
C ASN D 211 -6.80 19.62 -3.40
N THR D 212 -6.25 19.15 -2.30
CA THR D 212 -6.72 19.55 -0.97
C THR D 212 -5.87 20.70 -0.45
N LYS D 213 -6.54 21.69 0.13
CA LYS D 213 -5.87 22.75 0.87
C LYS D 213 -6.66 22.99 2.15
N VAL D 214 -6.04 22.73 3.30
CA VAL D 214 -6.71 22.90 4.59
C VAL D 214 -5.88 23.78 5.49
N ASP D 215 -6.53 24.76 6.14
CA ASP D 215 -5.87 25.60 7.13
C ASP D 215 -6.56 25.39 8.47
N LYS D 216 -5.99 24.55 9.33
CA LYS D 216 -6.60 24.18 10.59
C LYS D 216 -6.00 24.95 11.77
N LYS D 217 -6.83 25.69 12.50
CA LYS D 217 -6.37 26.47 13.65
C LYS D 217 -6.19 25.55 14.85
N VAL D 218 -5.06 25.70 15.53
CA VAL D 218 -4.71 24.83 16.65
C VAL D 218 -4.58 25.65 17.93
N GLU D 219 -5.41 25.36 18.93
CA GLU D 219 -5.37 26.08 20.20
C GLU D 219 -5.62 25.15 21.39
N PRO D 220 -5.28 25.62 22.61
CA PRO D 220 -5.41 24.85 23.85
C PRO D 220 -6.83 24.37 24.11
N SER E 1 35.10 9.16 -21.88
CA SER E 1 35.43 8.83 -23.26
C SER E 1 34.97 9.93 -24.22
N TYR E 2 33.92 9.63 -24.99
CA TYR E 2 33.51 10.48 -26.10
C TYR E 2 33.09 11.88 -25.71
N ASN E 3 32.44 12.03 -24.57
CA ASN E 3 31.96 13.36 -24.18
C ASN E 3 33.09 14.26 -23.71
N ASP E 4 34.18 13.66 -23.23
CA ASP E 4 35.36 14.43 -22.82
C ASP E 4 35.96 15.10 -24.06
N GLU E 5 35.89 14.39 -25.18
CA GLU E 5 36.34 14.94 -26.44
C GLU E 5 35.42 16.05 -26.90
N LYS E 6 34.11 15.85 -26.79
CA LYS E 6 33.14 16.88 -27.18
C LYS E 6 33.36 18.12 -26.33
N LYS E 7 33.62 17.91 -25.04
CA LYS E 7 33.74 19.02 -24.10
C LYS E 7 34.97 19.87 -24.45
N LEU E 8 36.11 19.22 -24.69
CA LEU E 8 37.32 19.94 -25.04
C LEU E 8 37.15 20.73 -26.34
N ALA E 9 36.67 20.03 -27.37
CA ALA E 9 36.53 20.63 -28.69
C ALA E 9 35.52 21.75 -28.64
N SER E 10 34.46 21.57 -27.86
CA SER E 10 33.41 22.58 -27.75
C SER E 10 33.91 23.84 -27.05
N ASN E 11 34.77 23.69 -26.04
CA ASN E 11 35.29 24.87 -25.38
C ASN E 11 36.25 25.58 -26.34
N GLU E 12 36.97 24.80 -27.12
CA GLU E 12 37.86 25.39 -28.11
C GLU E 12 37.07 26.23 -29.13
N ILE E 13 35.90 25.73 -29.55
CA ILE E 13 35.02 26.51 -30.45
C ILE E 13 34.53 27.77 -29.76
N ALA E 14 34.11 27.65 -28.49
CA ALA E 14 33.65 28.82 -27.74
C ALA E 14 34.74 29.86 -27.58
N ASN E 15 36.00 29.43 -27.54
CA ASN E 15 37.14 30.33 -27.34
C ASN E 15 37.35 31.27 -28.53
N LEU E 16 36.96 30.83 -29.73
CA LEU E 16 37.17 31.65 -30.94
C LEU E 16 36.28 32.89 -30.91
N PRO E 17 36.87 34.09 -31.02
CA PRO E 17 36.03 35.30 -30.86
C PRO E 17 35.20 35.72 -32.07
N ASN E 18 35.59 35.35 -33.29
CA ASN E 18 34.99 35.91 -34.49
C ASN E 18 33.93 35.05 -35.20
N LEU E 19 33.31 34.13 -34.47
CA LEU E 19 32.20 33.35 -35.01
C LEU E 19 30.86 33.93 -34.54
N ASN E 20 29.85 33.95 -35.41
CA ASN E 20 28.52 34.34 -34.98
C ASN E 20 27.79 33.11 -34.45
N GLU E 21 26.55 33.28 -34.00
CA GLU E 21 25.88 32.18 -33.31
C GLU E 21 25.58 31.02 -34.25
N GLU E 22 25.16 31.32 -35.47
CA GLU E 22 24.76 30.29 -36.41
C GLU E 22 25.96 29.39 -36.71
N GLN E 23 27.13 29.99 -36.85
CA GLN E 23 28.37 29.26 -37.07
C GLN E 23 28.79 28.43 -35.86
N ARG E 24 28.74 28.98 -34.65
CA ARG E 24 29.06 28.20 -33.47
C ARG E 24 28.12 27.01 -33.38
N SER E 25 26.83 27.24 -33.61
CA SER E 25 25.85 26.17 -33.49
C SER E 25 26.20 25.07 -34.47
N ALA E 26 26.66 25.44 -35.66
CA ALA E 26 26.99 24.46 -36.69
C ALA E 26 28.16 23.58 -36.26
N PHE E 27 29.26 24.19 -35.83
CA PHE E 27 30.42 23.40 -35.41
C PHE E 27 30.11 22.56 -34.19
N LEU E 28 29.40 23.13 -33.23
CA LEU E 28 29.12 22.41 -31.99
C LEU E 28 28.22 21.20 -32.26
N SER E 29 27.27 21.35 -33.17
CA SER E 29 26.36 20.25 -33.48
C SER E 29 27.11 19.13 -34.19
N SER E 30 28.08 19.49 -35.03
CA SER E 30 28.89 18.48 -35.68
C SER E 30 29.78 17.74 -34.68
N ILE E 31 30.27 18.47 -33.68
CA ILE E 31 31.03 17.86 -32.60
C ILE E 31 30.10 16.96 -31.77
N ASN E 32 28.88 17.43 -31.55
CA ASN E 32 27.91 16.67 -30.76
C ASN E 32 27.61 15.33 -31.47
N ASP E 33 27.60 15.39 -32.79
CA ASP E 33 27.27 14.21 -33.60
C ASP E 33 28.43 13.21 -33.71
N ASP E 34 29.65 13.72 -33.83
CA ASP E 34 30.79 12.84 -34.07
C ASP E 34 32.08 13.44 -33.58
N PRO E 35 32.40 13.23 -32.30
CA PRO E 35 33.60 13.78 -31.67
C PRO E 35 34.88 13.45 -32.42
N SER E 36 34.91 12.33 -33.14
CA SER E 36 36.13 11.92 -33.82
C SER E 36 36.53 12.92 -34.90
N GLN E 37 35.59 13.75 -35.34
CA GLN E 37 35.87 14.77 -36.36
C GLN E 37 36.37 16.09 -35.78
N SER E 38 36.61 16.14 -34.46
CA SER E 38 36.93 17.40 -33.78
C SER E 38 38.19 18.09 -34.29
N ALA E 39 39.26 17.35 -34.54
CA ALA E 39 40.47 17.95 -35.10
C ALA E 39 40.12 18.72 -36.38
N ASN E 40 39.43 18.07 -37.32
CA ASN E 40 39.04 18.69 -38.58
C ASN E 40 38.10 19.87 -38.41
N LEU E 41 37.10 19.71 -37.56
CA LEU E 41 36.15 20.77 -37.31
C LEU E 41 36.83 22.01 -36.74
N LEU E 42 37.73 21.82 -35.78
CA LEU E 42 38.50 22.92 -35.19
C LEU E 42 39.38 23.62 -36.22
N ALA E 43 40.04 22.84 -37.07
CA ALA E 43 40.85 23.43 -38.12
C ALA E 43 39.97 24.35 -38.97
N GLU E 44 38.79 23.87 -39.36
CA GLU E 44 37.87 24.61 -40.20
C GLU E 44 37.33 25.85 -39.47
N ALA E 45 36.98 25.68 -38.20
CA ALA E 45 36.51 26.81 -37.41
C ALA E 45 37.57 27.91 -37.33
N LYS E 46 38.82 27.52 -37.06
CA LYS E 46 39.92 28.48 -36.93
C LYS E 46 40.14 29.29 -38.21
N LYS E 47 39.96 28.65 -39.35
CA LYS E 47 40.14 29.34 -40.63
C LYS E 47 39.03 30.38 -40.81
N LEU E 48 37.81 29.98 -40.44
CA LEU E 48 36.63 30.84 -40.56
C LEU E 48 36.80 32.02 -39.61
N ASN E 49 37.24 31.71 -38.39
CA ASN E 49 37.52 32.72 -37.38
C ASN E 49 38.53 33.77 -37.86
N ASP E 50 39.62 33.30 -38.45
CA ASP E 50 40.70 34.20 -38.87
C ASP E 50 40.25 35.04 -40.06
N ALA E 51 39.43 34.47 -40.93
CA ALA E 51 38.95 35.21 -42.10
C ALA E 51 37.96 36.29 -41.67
N GLN E 52 37.29 36.07 -40.53
CA GLN E 52 36.26 37.02 -40.09
C GLN E 52 36.79 38.03 -39.05
N ALA E 53 38.09 37.99 -38.79
CA ALA E 53 38.69 38.91 -37.82
C ALA E 53 38.52 40.35 -38.27
N SER F 1 3.18 -22.88 -20.53
CA SER F 1 3.77 -21.57 -20.27
C SER F 1 3.68 -20.66 -21.50
N TYR F 2 2.69 -20.92 -22.36
CA TYR F 2 2.41 -20.07 -23.51
C TYR F 2 2.02 -18.65 -23.09
N ASN F 3 1.39 -18.51 -21.93
CA ASN F 3 1.00 -17.19 -21.46
C ASN F 3 2.18 -16.31 -21.03
N ASP F 4 3.28 -16.94 -20.63
CA ASP F 4 4.50 -16.20 -20.29
C ASP F 4 5.06 -15.55 -21.56
N GLU F 5 4.95 -16.26 -22.68
CA GLU F 5 5.37 -15.71 -23.96
C GLU F 5 4.46 -14.54 -24.31
N LYS F 6 3.15 -14.70 -24.11
CA LYS F 6 2.19 -13.63 -24.33
C LYS F 6 2.51 -12.41 -23.46
N LYS F 7 2.78 -12.67 -22.20
CA LYS F 7 3.02 -11.60 -21.24
C LYS F 7 4.27 -10.80 -21.59
N LEU F 8 5.36 -11.50 -21.89
CA LEU F 8 6.58 -10.80 -22.28
C LEU F 8 6.38 -9.98 -23.56
N ALA F 9 5.82 -10.59 -24.58
CA ALA F 9 5.63 -9.90 -25.86
C ALA F 9 4.66 -8.73 -25.73
N SER F 10 3.64 -8.88 -24.90
CA SER F 10 2.62 -7.85 -24.76
C SER F 10 3.21 -6.62 -24.07
N ASN F 11 4.07 -6.83 -23.07
CA ASN F 11 4.72 -5.71 -22.40
C ASN F 11 5.66 -4.99 -23.37
N GLU F 12 6.28 -5.74 -24.29
CA GLU F 12 7.16 -5.09 -25.26
C GLU F 12 6.33 -4.23 -26.23
N ILE F 13 5.13 -4.70 -26.56
CA ILE F 13 4.22 -3.92 -27.39
C ILE F 13 3.80 -2.66 -26.61
N ALA F 14 3.53 -2.83 -25.32
CA ALA F 14 3.09 -1.71 -24.47
C ALA F 14 4.16 -0.64 -24.40
N ASN F 15 5.42 -1.03 -24.49
CA ASN F 15 6.54 -0.09 -24.41
C ASN F 15 6.60 0.89 -25.59
N LEU F 16 6.04 0.49 -26.73
CA LEU F 16 6.11 1.33 -27.94
C LEU F 16 5.28 2.61 -27.81
N PRO F 17 5.91 3.77 -28.05
CA PRO F 17 5.24 5.07 -27.87
C PRO F 17 4.31 5.53 -29.01
N ASN F 18 4.50 5.03 -30.24
CA ASN F 18 3.81 5.59 -31.41
C ASN F 18 2.74 4.72 -32.08
N LEU F 19 2.08 3.85 -31.34
CA LEU F 19 0.97 3.09 -31.92
C LEU F 19 -0.35 3.66 -31.38
N ASN F 20 -1.37 3.75 -32.23
CA ASN F 20 -2.69 4.13 -31.73
C ASN F 20 -3.41 2.92 -31.14
N GLU F 21 -4.58 3.15 -30.55
CA GLU F 21 -5.29 2.09 -29.85
C GLU F 21 -5.68 0.95 -30.79
N GLU F 22 -6.02 1.30 -32.03
CA GLU F 22 -6.42 0.29 -33.00
C GLU F 22 -5.27 -0.67 -33.29
N GLN F 23 -4.08 -0.10 -33.44
CA GLN F 23 -2.90 -0.86 -33.80
C GLN F 23 -2.41 -1.70 -32.62
N ARG F 24 -2.40 -1.11 -31.43
CA ARG F 24 -2.05 -1.87 -30.25
C ARG F 24 -2.96 -3.09 -30.12
N SER F 25 -4.25 -2.88 -30.36
CA SER F 25 -5.23 -3.96 -30.20
C SER F 25 -4.96 -5.04 -31.22
N ALA F 26 -4.61 -4.63 -32.44
CA ALA F 26 -4.32 -5.59 -33.49
C ALA F 26 -3.18 -6.52 -33.09
N PHE F 27 -2.03 -5.95 -32.72
CA PHE F 27 -0.86 -6.75 -32.37
C PHE F 27 -1.06 -7.60 -31.13
N LEU F 28 -1.67 -7.01 -30.11
CA LEU F 28 -1.96 -7.76 -28.89
C LEU F 28 -2.89 -8.94 -29.15
N SER F 29 -3.89 -8.77 -30.01
CA SER F 29 -4.83 -9.85 -30.27
C SER F 29 -4.10 -10.96 -31.01
N SER F 30 -3.20 -10.60 -31.93
CA SER F 30 -2.42 -11.61 -32.65
C SER F 30 -1.53 -12.40 -31.70
N ILE F 31 -0.94 -11.71 -30.74
CA ILE F 31 -0.14 -12.36 -29.72
C ILE F 31 -1.04 -13.29 -28.90
N ASN F 32 -2.23 -12.79 -28.55
CA ASN F 32 -3.19 -13.54 -27.76
C ASN F 32 -3.59 -14.84 -28.48
N ASP F 33 -3.72 -14.75 -29.80
CA ASP F 33 -4.12 -15.88 -30.66
C ASP F 33 -2.99 -16.90 -30.83
N ASP F 34 -1.77 -16.42 -31.05
CA ASP F 34 -0.66 -17.32 -31.33
C ASP F 34 0.66 -16.74 -30.88
N PRO F 35 1.06 -17.02 -29.64
CA PRO F 35 2.28 -16.51 -29.04
C PRO F 35 3.56 -16.86 -29.81
N SER F 36 3.57 -17.98 -30.52
CA SER F 36 4.78 -18.38 -31.24
C SER F 36 5.14 -17.38 -32.33
N GLN F 37 4.16 -16.56 -32.72
CA GLN F 37 4.40 -15.47 -33.68
C GLN F 37 4.99 -14.19 -33.05
N SER F 38 5.37 -14.24 -31.77
CA SER F 38 5.81 -13.02 -31.07
C SER F 38 7.02 -12.34 -31.71
N ALA F 39 8.07 -13.11 -31.97
CA ALA F 39 9.27 -12.51 -32.56
C ALA F 39 8.89 -11.72 -33.81
N ASN F 40 8.04 -12.32 -34.63
CA ASN F 40 7.62 -11.69 -35.88
C ASN F 40 6.74 -10.46 -35.67
N LEU F 41 5.75 -10.58 -34.79
CA LEU F 41 4.83 -9.50 -34.53
C LEU F 41 5.55 -8.28 -33.93
N LEU F 42 6.51 -8.53 -33.05
CA LEU F 42 7.29 -7.45 -32.44
C LEU F 42 8.08 -6.72 -33.50
N ALA F 43 8.70 -7.48 -34.39
CA ALA F 43 9.45 -6.85 -35.47
C ALA F 43 8.51 -5.94 -36.26
N GLU F 44 7.31 -6.44 -36.57
CA GLU F 44 6.33 -5.67 -37.34
C GLU F 44 5.89 -4.42 -36.58
N ALA F 45 5.65 -4.56 -35.27
CA ALA F 45 5.23 -3.44 -34.46
C ALA F 45 6.34 -2.38 -34.40
N LYS F 46 7.59 -2.80 -34.24
CA LYS F 46 8.70 -1.87 -34.08
C LYS F 46 8.87 -1.07 -35.38
N LYS F 47 8.70 -1.75 -36.51
CA LYS F 47 8.83 -1.11 -37.81
C LYS F 47 7.71 -0.09 -38.02
N LEU F 48 6.51 -0.42 -37.55
CA LEU F 48 5.35 0.46 -37.72
C LEU F 48 5.47 1.66 -36.77
N ASN F 49 5.93 1.37 -35.57
CA ASN F 49 6.20 2.38 -34.56
C ASN F 49 7.17 3.43 -35.11
N ASP F 50 8.29 2.96 -35.66
CA ASP F 50 9.37 3.84 -36.12
C ASP F 50 8.91 4.68 -37.29
N ALA F 51 8.06 4.11 -38.13
CA ALA F 51 7.57 4.82 -39.29
C ALA F 51 6.58 5.91 -38.87
N GLN F 52 6.07 5.81 -37.65
CA GLN F 52 5.10 6.78 -37.14
C GLN F 52 5.74 7.74 -36.14
N ALA F 53 7.06 7.69 -36.04
CA ALA F 53 7.79 8.56 -35.12
C ALA F 53 7.69 10.02 -35.59
S SO4 G . -8.13 -6.41 4.16
O1 SO4 G . -7.60 -6.49 5.52
O2 SO4 G . -7.06 -6.01 3.24
O3 SO4 G . -8.64 -7.72 3.75
O4 SO4 G . -9.21 -5.44 4.12
S SO4 H . -28.62 -7.65 -7.90
O1 SO4 H . -27.34 -8.20 -7.46
O2 SO4 H . -28.41 -6.78 -9.05
O3 SO4 H . -29.51 -8.76 -8.25
O4 SO4 H . -29.21 -6.89 -6.80
C1 EDO I . -37.67 -30.00 -8.87
O1 EDO I . -37.86 -29.20 -7.70
C2 EDO I . -36.19 -30.02 -9.26
O2 EDO I . -35.40 -30.44 -8.14
H11 EDO I . -38.01 -31.02 -8.67
H12 EDO I . -38.25 -29.60 -9.69
HO1 EDO I . -38.80 -29.18 -7.46
H21 EDO I . -35.88 -29.03 -9.57
H22 EDO I . -36.04 -30.71 -10.10
HO2 EDO I . -34.46 -30.45 -8.40
S SO4 J . 21.40 24.80 0.29
O1 SO4 J . 20.80 25.52 1.41
O2 SO4 J . 22.22 25.72 -0.50
O3 SO4 J . 22.23 23.72 0.80
O4 SO4 J . 20.34 24.25 -0.55
C1 EDO K . 26.87 23.73 2.62
O1 EDO K . 26.74 22.48 3.31
C2 EDO K . 27.40 23.52 1.20
O2 EDO K . 26.34 23.66 0.24
H11 EDO K . 25.91 24.23 2.58
H12 EDO K . 27.57 24.38 3.17
HO1 EDO K . 26.40 22.64 4.20
H21 EDO K . 27.84 22.53 1.11
H22 EDO K . 28.17 24.26 0.98
HO2 EDO K . 26.68 23.52 -0.65
C1 EDO L . 0.91 9.76 12.62
O1 EDO L . 1.83 10.63 13.32
C2 EDO L . 1.60 8.96 11.53
O2 EDO L . 2.77 8.30 12.05
H11 EDO L . 0.46 9.07 13.34
H12 EDO L . 0.12 10.36 12.18
HO1 EDO L . 1.36 11.12 13.99
H21 EDO L . 0.92 8.23 11.12
H22 EDO L . 1.90 9.63 10.72
HO2 EDO L . 3.20 7.80 11.35
#